data_5UX1
#
_entry.id   5UX1
#
_cell.length_a   72.342
_cell.length_b   78.274
_cell.length_c   83.734
_cell.angle_alpha   90.00
_cell.angle_beta   103.20
_cell.angle_gamma   90.00
#
_symmetry.space_group_name_H-M   'P 1 21 1'
#
loop_
_entity.id
_entity.type
_entity.pdbx_description
1 polymer tRNA-(MS(2)IO(6)A)-hydroxylase-like
2 non-polymer 'FE (III) ION'
3 water water
#
_entity_poly.entity_id   1
_entity_poly.type   'polypeptide(L)'
_entity_poly.pdbx_seq_one_letter_code
;MTTTAPPQTVPTKTVPSKTVASIRWLAAPTSWSWVEQANAHPMEVLIDHAHCERKAAGAAVQMMFRYLCEPGLGEALSPL
AREELEHFEQVLALIKARGRYLEPLPSPGYGADLARQIRKGEPQRMLDSFLVAGLIEARSHERMALLAEHSPDPQLRELY
SDLLASEARHFGLYWVLCEQRYPRELIVERLEVLALAEVKALEGALTRPEDVRMHSCGVDVTQISSQISGSHHHHHH
;
_entity_poly.pdbx_strand_id   A,B,C,D
#
loop_
_chem_comp.id
_chem_comp.type
_chem_comp.name
_chem_comp.formula
FE non-polymer 'FE (III) ION' 'Fe 3'
#
# COMPACT_ATOMS: atom_id res chain seq x y z
N ILE A 23 -39.97 -1.11 31.09
CA ILE A 23 -38.71 -1.54 30.41
C ILE A 23 -37.61 -1.82 31.43
N ARG A 24 -37.12 -3.06 31.47
CA ARG A 24 -35.92 -3.37 32.25
C ARG A 24 -34.73 -3.32 31.30
N TRP A 25 -33.78 -2.43 31.56
CA TRP A 25 -32.62 -2.35 30.70
C TRP A 25 -31.58 -3.45 30.97
N LEU A 26 -31.21 -3.61 32.23
CA LEU A 26 -30.08 -4.46 32.57
C LEU A 26 -30.48 -5.87 32.95
N ALA A 27 -29.69 -6.82 32.51
CA ALA A 27 -30.02 -8.25 32.68
C ALA A 27 -29.48 -8.84 33.98
N ALA A 28 -28.57 -8.10 34.64
CA ALA A 28 -28.04 -8.53 35.95
C ALA A 28 -27.47 -7.30 36.68
N PRO A 29 -27.52 -7.34 38.00
CA PRO A 29 -26.99 -6.25 38.80
C PRO A 29 -25.48 -6.34 38.97
N THR A 30 -24.91 -5.19 39.30
CA THR A 30 -23.50 -5.11 39.67
C THR A 30 -23.21 -5.91 40.95
N SER A 31 -22.03 -6.54 40.95
CA SER A 31 -21.54 -7.27 42.11
C SER A 31 -21.06 -6.31 43.20
N TRP A 32 -21.27 -6.68 44.45
CA TRP A 32 -20.75 -5.89 45.55
C TRP A 32 -19.25 -5.74 45.44
N SER A 33 -18.58 -6.68 44.78
CA SER A 33 -17.15 -6.56 44.52
C SER A 33 -16.77 -5.22 43.90
N TRP A 34 -17.58 -4.75 42.97
CA TRP A 34 -17.31 -3.49 42.30
C TRP A 34 -17.49 -2.32 43.27
N VAL A 35 -18.50 -2.36 44.12
CA VAL A 35 -18.74 -1.31 45.09
C VAL A 35 -17.54 -1.19 46.03
N GLU A 36 -17.04 -2.33 46.53
CA GLU A 36 -15.82 -2.32 47.36
C GLU A 36 -14.62 -1.72 46.63
N GLN A 37 -14.41 -2.13 45.39
CA GLN A 37 -13.30 -1.63 44.59
C GLN A 37 -13.45 -0.13 44.34
N ALA A 38 -14.66 0.31 44.04
CA ALA A 38 -14.88 1.73 43.76
C ALA A 38 -14.65 2.56 45.02
N ASN A 39 -15.03 2.01 46.18
CA ASN A 39 -14.79 2.70 47.45
C ASN A 39 -13.31 2.73 47.82
N ALA A 40 -12.54 1.75 47.39
CA ALA A 40 -11.09 1.71 47.68
C ALA A 40 -10.27 2.68 46.80
N HIS A 41 -10.73 2.91 45.56
CA HIS A 41 -10.07 3.81 44.59
C HIS A 41 -11.08 4.77 43.95
N PRO A 42 -11.64 5.68 44.75
CA PRO A 42 -12.67 6.59 44.30
C PRO A 42 -12.21 7.55 43.21
N MET A 43 -10.96 7.97 43.24
CA MET A 43 -10.48 8.92 42.22
C MET A 43 -10.34 8.32 40.83
N GLU A 44 -9.97 7.04 40.74
CA GLU A 44 -9.91 6.35 39.46
C GLU A 44 -11.32 6.23 38.86
N VAL A 45 -12.32 5.99 39.71
CA VAL A 45 -13.70 5.93 39.25
C VAL A 45 -14.14 7.31 38.77
N LEU A 46 -13.79 8.34 39.55
CA LEU A 46 -14.20 9.70 39.25
C LEU A 46 -13.60 10.21 37.95
N ILE A 47 -12.30 9.96 37.75
CA ILE A 47 -11.63 10.37 36.53
C ILE A 47 -12.22 9.63 35.34
N ASP A 48 -12.42 8.32 35.50
CA ASP A 48 -13.02 7.55 34.41
C ASP A 48 -14.43 8.05 34.12
N HIS A 49 -15.16 8.42 35.16
CA HIS A 49 -16.51 8.90 35.02
C HIS A 49 -16.49 10.20 34.19
N ALA A 50 -15.56 11.10 34.47
CA ALA A 50 -15.48 12.32 33.65
C ALA A 50 -15.27 11.96 32.18
N HIS A 51 -14.38 11.02 31.89
CA HIS A 51 -14.18 10.55 30.52
C HIS A 51 -15.46 9.94 29.92
N CYS A 52 -16.19 9.20 30.73
CA CYS A 52 -17.45 8.56 30.26
C CYS A 52 -18.47 9.61 29.86
N GLU A 53 -18.59 10.69 30.64
CA GLU A 53 -19.55 11.75 30.32
C GLU A 53 -19.16 12.39 29.01
N ARG A 54 -17.88 12.71 28.81
CA ARG A 54 -17.45 13.30 27.57
C ARG A 54 -17.64 12.35 26.37
N LYS A 55 -17.37 11.05 26.57
CA LYS A 55 -17.60 10.05 25.52
C LYS A 55 -19.07 9.96 25.14
N ALA A 56 -19.93 10.08 26.14
CA ALA A 56 -21.39 10.04 25.88
C ALA A 56 -21.81 11.25 25.04
N ALA A 57 -21.29 12.42 25.39
CA ALA A 57 -21.54 13.61 24.57
C ALA A 57 -21.04 13.41 23.15
N GLY A 58 -19.82 12.89 23.00
CA GLY A 58 -19.26 12.61 21.70
C GLY A 58 -20.08 11.62 20.85
N ALA A 59 -20.56 10.58 21.50
CA ALA A 59 -21.35 9.55 20.79
C ALA A 59 -22.65 10.15 20.28
N ALA A 60 -23.27 11.01 21.10
CA ALA A 60 -24.51 11.70 20.70
C ALA A 60 -24.28 12.63 19.51
N VAL A 61 -23.18 13.38 19.54
CA VAL A 61 -22.86 14.22 18.40
C VAL A 61 -22.57 13.40 17.14
N GLN A 62 -21.83 12.29 17.29
CA GLN A 62 -21.55 11.44 16.14
C GLN A 62 -22.83 10.83 15.57
N MET A 63 -23.78 10.48 16.44
CA MET A 63 -25.06 9.94 15.94
C MET A 63 -25.75 11.02 15.15
N MET A 64 -25.71 12.27 15.64
CA MET A 64 -26.38 13.33 14.91
C MET A 64 -25.76 13.53 13.53
N PHE A 65 -24.42 13.44 13.41
CA PHE A 65 -23.80 13.58 12.09
C PHE A 65 -24.16 12.43 11.17
N ARG A 66 -24.21 11.22 11.70
CA ARG A 66 -24.60 10.08 10.88
C ARG A 66 -26.01 10.20 10.36
N TYR A 67 -26.92 10.71 11.19
CA TYR A 67 -28.32 10.86 10.84
C TYR A 67 -28.66 12.35 10.75
N LEU A 68 -27.99 12.99 9.80
CA LEU A 68 -27.88 14.45 9.75
C LEU A 68 -29.18 15.23 9.81
N CYS A 69 -30.21 14.77 9.10
CA CYS A 69 -31.48 15.47 8.99
C CYS A 69 -32.65 14.64 9.51
N GLU A 70 -32.36 13.61 10.30
CA GLU A 70 -33.42 12.75 10.84
C GLU A 70 -34.38 13.53 11.72
N PRO A 71 -35.68 13.59 11.38
CA PRO A 71 -36.61 14.36 12.19
C PRO A 71 -36.65 13.94 13.63
N GLY A 72 -36.52 14.94 14.51
CA GLY A 72 -36.62 14.79 15.95
C GLY A 72 -35.29 14.47 16.61
N LEU A 73 -34.28 14.09 15.83
CA LEU A 73 -33.06 13.55 16.45
C LEU A 73 -32.21 14.65 17.01
N GLY A 74 -31.99 15.70 16.23
CA GLY A 74 -31.23 16.83 16.81
C GLY A 74 -31.88 17.47 18.02
N GLU A 75 -33.21 17.57 18.01
CA GLU A 75 -33.96 18.10 19.11
C GLU A 75 -33.72 17.34 20.40
N ALA A 76 -33.51 16.04 20.26
CA ALA A 76 -33.32 15.17 21.40
C ALA A 76 -31.85 15.08 21.77
N LEU A 77 -30.97 14.82 20.80
CA LEU A 77 -29.58 14.52 21.13
C LEU A 77 -28.73 15.76 21.42
N SER A 78 -29.11 16.92 20.88
CA SER A 78 -28.31 18.12 21.16
C SER A 78 -28.40 18.52 22.64
N PRO A 79 -29.60 18.58 23.23
CA PRO A 79 -29.61 18.82 24.67
C PRO A 79 -28.96 17.74 25.50
N LEU A 80 -29.11 16.48 25.09
CA LEU A 80 -28.45 15.38 25.81
C LEU A 80 -26.95 15.61 25.81
N ALA A 81 -26.36 15.87 24.64
CA ALA A 81 -24.91 16.08 24.55
C ALA A 81 -24.50 17.25 25.43
N ARG A 82 -25.30 18.33 25.44
CA ARG A 82 -24.97 19.47 26.32
C ARG A 82 -24.98 19.05 27.78
N GLU A 83 -25.98 18.27 28.21
CA GLU A 83 -26.06 17.85 29.57
C GLU A 83 -24.89 16.94 29.96
N GLU A 84 -24.47 16.06 29.04
CA GLU A 84 -23.30 15.24 29.31
C GLU A 84 -22.02 16.08 29.47
N LEU A 85 -21.87 17.12 28.66
CA LEU A 85 -20.75 18.04 28.82
C LEU A 85 -20.81 18.80 30.14
N GLU A 86 -22.03 19.21 30.56
CA GLU A 86 -22.19 19.83 31.89
C GLU A 86 -21.72 18.88 32.97
N HIS A 87 -22.09 17.60 32.85
CA HIS A 87 -21.63 16.61 33.85
C HIS A 87 -20.12 16.46 33.81
N PHE A 88 -19.53 16.41 32.60
CA PHE A 88 -18.09 16.34 32.47
C PHE A 88 -17.44 17.48 33.25
N GLU A 89 -17.97 18.69 33.06
CA GLU A 89 -17.39 19.90 33.68
C GLU A 89 -17.56 19.84 35.19
N GLN A 90 -18.69 19.34 35.66
CA GLN A 90 -18.97 19.25 37.10
C GLN A 90 -18.00 18.25 37.76
N VAL A 91 -17.80 17.10 37.13
CA VAL A 91 -16.95 16.08 37.70
C VAL A 91 -15.49 16.55 37.65
N LEU A 92 -15.10 17.21 36.57
CA LEU A 92 -13.74 17.73 36.44
C LEU A 92 -13.45 18.73 37.54
N ALA A 93 -14.42 19.59 37.86
CA ALA A 93 -14.23 20.57 38.95
C ALA A 93 -13.99 19.85 40.29
N LEU A 94 -14.71 18.77 40.56
CA LEU A 94 -14.50 18.00 41.79
C LEU A 94 -13.15 17.30 41.77
N ILE A 95 -12.75 16.72 40.62
CA ILE A 95 -11.43 16.10 40.48
C ILE A 95 -10.32 17.08 40.93
N LYS A 96 -10.39 18.31 40.43
CA LYS A 96 -9.39 19.34 40.79
C LYS A 96 -9.52 19.76 42.23
N ALA A 97 -10.74 19.84 42.76
CA ALA A 97 -10.92 20.17 44.18
C ALA A 97 -10.24 19.09 45.07
N ARG A 98 -10.16 17.85 44.57
CA ARG A 98 -9.46 16.75 45.27
C ARG A 98 -7.99 16.56 44.90
N GLY A 99 -7.40 17.52 44.21
CA GLY A 99 -5.94 17.54 44.01
C GLY A 99 -5.45 16.83 42.78
N ARG A 100 -6.35 16.37 41.92
CA ARG A 100 -5.92 15.65 40.73
C ARG A 100 -6.40 16.31 39.45
N TYR A 101 -6.08 15.72 38.30
CA TYR A 101 -6.62 16.21 37.03
C TYR A 101 -7.06 15.02 36.22
N LEU A 102 -7.56 15.29 35.02
CA LEU A 102 -7.82 14.25 34.03
C LEU A 102 -6.53 13.54 33.72
N GLU A 103 -6.58 12.21 33.82
CA GLU A 103 -5.48 11.32 33.50
C GLU A 103 -5.95 10.35 32.44
N PRO A 104 -5.01 9.86 31.59
CA PRO A 104 -5.34 8.89 30.52
C PRO A 104 -5.48 7.48 31.03
N LEU A 105 -6.36 7.28 32.02
CA LEU A 105 -6.59 5.95 32.57
C LEU A 105 -7.16 5.08 31.48
N PRO A 106 -6.50 3.96 31.15
CA PRO A 106 -7.06 3.09 30.11
C PRO A 106 -8.50 2.65 30.43
N SER A 107 -9.38 2.72 29.43
CA SER A 107 -10.76 2.29 29.57
C SER A 107 -10.85 0.77 29.67
N PRO A 108 -11.89 0.27 30.36
CA PRO A 108 -12.14 -1.16 30.33
C PRO A 108 -12.51 -1.64 28.92
N GLY A 109 -12.59 -2.95 28.71
CA GLY A 109 -13.00 -3.51 27.39
C GLY A 109 -14.48 -3.34 27.08
N TYR A 110 -15.25 -2.88 28.06
CA TYR A 110 -16.70 -2.81 28.00
C TYR A 110 -17.18 -2.05 26.77
N GLY A 111 -16.67 -0.85 26.59
CA GLY A 111 -17.12 0.04 25.52
C GLY A 111 -16.96 -0.57 24.16
N ALA A 112 -15.79 -1.13 23.90
CA ALA A 112 -15.50 -1.75 22.61
C ALA A 112 -16.30 -3.03 22.44
N ASP A 113 -16.49 -3.78 23.52
CA ASP A 113 -17.31 -4.98 23.46
C ASP A 113 -18.74 -4.67 23.04
N LEU A 114 -19.29 -3.60 23.59
CA LEU A 114 -20.64 -3.19 23.20
C LEU A 114 -20.67 -2.63 21.79
N ALA A 115 -19.69 -1.82 21.44
CA ALA A 115 -19.61 -1.27 20.07
C ALA A 115 -19.62 -2.39 19.01
N ARG A 116 -18.93 -3.51 19.30
CA ARG A 116 -18.87 -4.65 18.38
C ARG A 116 -20.23 -5.30 18.10
N GLN A 117 -21.20 -5.13 18.99
CA GLN A 117 -22.55 -5.66 18.80
C GLN A 117 -23.41 -4.86 17.81
N ILE A 118 -22.98 -3.65 17.48
CA ILE A 118 -23.76 -2.76 16.61
C ILE A 118 -23.66 -3.26 15.16
N ARG A 119 -24.79 -3.67 14.61
CA ARG A 119 -24.81 -4.19 13.25
C ARG A 119 -24.53 -3.08 12.24
N LYS A 120 -23.90 -3.46 11.13
CA LYS A 120 -23.70 -2.59 9.98
C LYS A 120 -24.98 -2.61 9.15
N GLY A 121 -25.29 -1.51 8.51
CA GLY A 121 -26.47 -1.44 7.70
C GLY A 121 -27.70 -0.98 8.46
N GLU A 122 -28.37 -0.03 7.85
CA GLU A 122 -29.62 0.45 8.34
C GLU A 122 -30.69 -0.45 7.86
N PRO A 123 -31.81 -0.50 8.58
CA PRO A 123 -32.17 0.23 9.81
C PRO A 123 -31.68 -0.40 11.15
N GLN A 124 -30.99 -1.50 11.07
CA GLN A 124 -30.49 -2.19 12.27
C GLN A 124 -29.48 -1.36 13.01
N ARG A 125 -28.61 -0.67 12.28
CA ARG A 125 -27.55 0.13 12.91
C ARG A 125 -28.08 1.21 13.87
N MET A 126 -29.06 2.01 13.44
CA MET A 126 -29.65 3.03 14.29
C MET A 126 -30.23 2.44 15.58
N LEU A 127 -31.06 1.41 15.44
CA LEU A 127 -31.62 0.70 16.57
C LEU A 127 -30.54 0.26 17.57
N ASP A 128 -29.54 -0.42 17.05
CA ASP A 128 -28.45 -0.98 17.90
C ASP A 128 -27.70 0.18 18.60
N SER A 129 -27.47 1.26 17.87
CA SER A 129 -26.77 2.44 18.42
C SER A 129 -27.52 3.08 19.58
N PHE A 130 -28.84 3.22 19.45
CA PHE A 130 -29.65 3.77 20.51
C PHE A 130 -29.67 2.82 21.72
N LEU A 131 -29.84 1.53 21.43
CA LEU A 131 -29.96 0.57 22.52
C LEU A 131 -28.64 0.43 23.28
N VAL A 132 -27.53 0.38 22.56
CA VAL A 132 -26.19 0.34 23.20
C VAL A 132 -26.01 1.61 24.06
N ALA A 133 -26.31 2.79 23.51
CA ALA A 133 -26.14 4.01 24.32
C ALA A 133 -27.00 3.96 25.59
N GLY A 134 -28.23 3.48 25.47
CA GLY A 134 -29.11 3.37 26.60
C GLY A 134 -28.63 2.37 27.62
N LEU A 135 -28.10 1.24 27.16
CA LEU A 135 -27.55 0.23 28.10
C LEU A 135 -26.39 0.82 28.92
N ILE A 136 -25.48 1.51 28.25
CA ILE A 136 -24.33 2.13 28.94
C ILE A 136 -24.80 3.15 29.97
N GLU A 137 -25.75 3.98 29.59
CA GLU A 137 -26.38 4.91 30.56
C GLU A 137 -27.07 4.21 31.75
N ALA A 138 -27.79 3.12 31.47
CA ALA A 138 -28.46 2.38 32.52
C ALA A 138 -27.47 1.77 33.47
N ARG A 139 -26.38 1.22 32.94
CA ARG A 139 -25.37 0.62 33.82
C ARG A 139 -24.68 1.74 34.66
N SER A 140 -24.41 2.88 34.06
CA SER A 140 -23.85 4.01 34.83
C SER A 140 -24.80 4.43 35.95
N HIS A 141 -26.09 4.56 35.64
CA HIS A 141 -27.09 4.91 36.64
C HIS A 141 -27.13 3.91 37.78
N GLU A 142 -27.11 2.63 37.43
CA GLU A 142 -27.21 1.57 38.40
C GLU A 142 -26.03 1.62 39.36
N ARG A 143 -24.84 1.85 38.80
CA ARG A 143 -23.62 1.92 39.62
C ARG A 143 -23.52 3.22 40.42
N MET A 144 -23.93 4.33 39.82
CA MET A 144 -24.00 5.58 40.56
C MET A 144 -24.99 5.49 41.70
N ALA A 145 -26.10 4.77 41.50
CA ALA A 145 -27.07 4.59 42.59
C ALA A 145 -26.44 3.84 43.76
N LEU A 146 -25.59 2.86 43.45
CA LEU A 146 -24.90 2.10 44.48
C LEU A 146 -23.94 3.02 45.26
N LEU A 147 -23.18 3.86 44.59
CA LEU A 147 -22.23 4.75 45.28
C LEU A 147 -22.96 5.86 46.05
N ALA A 148 -24.10 6.30 45.53
CA ALA A 148 -24.92 7.31 46.22
C ALA A 148 -25.34 6.81 47.59
N GLU A 149 -25.62 5.52 47.71
CA GLU A 149 -25.99 4.92 48.97
C GLU A 149 -24.80 4.45 49.79
N HIS A 150 -23.78 3.86 49.14
CA HIS A 150 -22.73 3.10 49.84
C HIS A 150 -21.35 3.72 49.94
N SER A 151 -21.09 4.84 49.25
CA SER A 151 -19.79 5.46 49.39
C SER A 151 -19.63 5.92 50.85
N PRO A 152 -18.42 5.72 51.43
CA PRO A 152 -18.18 6.24 52.80
C PRO A 152 -17.94 7.76 52.82
N ASP A 153 -17.90 8.39 51.65
CA ASP A 153 -17.57 9.80 51.49
C ASP A 153 -18.84 10.60 51.19
N PRO A 154 -19.25 11.47 52.12
CA PRO A 154 -20.51 12.23 51.93
C PRO A 154 -20.53 13.09 50.67
N GLN A 155 -19.36 13.58 50.29
CA GLN A 155 -19.25 14.45 49.12
C GLN A 155 -19.54 13.64 47.86
N LEU A 156 -19.00 12.42 47.83
CA LEU A 156 -19.27 11.52 46.68
C LEU A 156 -20.70 11.04 46.69
N ARG A 157 -21.26 10.70 47.84
CA ARG A 157 -22.69 10.38 47.90
C ARG A 157 -23.55 11.51 47.32
N GLU A 158 -23.21 12.74 47.66
CA GLU A 158 -23.94 13.90 47.18
C GLU A 158 -23.80 14.09 45.66
N LEU A 159 -22.57 14.00 45.14
CA LEU A 159 -22.33 14.05 43.68
C LEU A 159 -23.17 13.02 42.95
N TYR A 160 -23.00 11.77 43.34
CA TYR A 160 -23.65 10.68 42.61
C TYR A 160 -25.17 10.75 42.75
N SER A 161 -25.66 11.10 43.93
CA SER A 161 -27.11 11.30 44.13
C SER A 161 -27.65 12.38 43.19
N ASP A 162 -26.91 13.47 43.08
CA ASP A 162 -27.29 14.62 42.27
C ASP A 162 -27.39 14.24 40.78
N LEU A 163 -26.61 13.25 40.34
CA LEU A 163 -26.60 12.84 38.94
C LEU A 163 -27.66 11.82 38.53
N LEU A 164 -28.31 11.17 39.47
CA LEU A 164 -29.18 10.05 39.16
C LEU A 164 -30.37 10.37 38.26
N ALA A 165 -31.09 11.44 38.60
CA ALA A 165 -32.31 11.79 37.86
C ALA A 165 -32.00 12.01 36.37
N SER A 166 -30.90 12.68 36.09
CA SER A 166 -30.57 13.00 34.71
C SER A 166 -30.18 11.76 33.95
N GLU A 167 -29.45 10.84 34.58
CA GLU A 167 -29.06 9.59 33.90
C GLU A 167 -30.30 8.74 33.53
N ALA A 168 -31.28 8.70 34.42
CA ALA A 168 -32.53 8.03 34.14
C ALA A 168 -33.30 8.67 32.98
N ARG A 169 -33.28 9.99 32.90
CA ARG A 169 -33.88 10.66 31.73
C ARG A 169 -33.13 10.27 30.43
N HIS A 170 -31.83 10.02 30.52
CA HIS A 170 -31.06 9.71 29.33
C HIS A 170 -31.32 8.30 28.78
N PHE A 171 -31.39 7.28 29.63
CA PHE A 171 -31.76 5.98 29.08
C PHE A 171 -33.22 6.00 28.67
N GLY A 172 -34.02 6.79 29.37
CA GLY A 172 -35.42 6.96 28.91
C GLY A 172 -35.51 7.54 27.51
N LEU A 173 -34.67 8.51 27.23
CA LEU A 173 -34.64 9.12 25.91
C LEU A 173 -34.29 8.13 24.81
N TYR A 174 -33.27 7.29 25.04
CA TYR A 174 -32.83 6.37 24.03
C TYR A 174 -33.92 5.34 23.76
N TRP A 175 -34.67 4.96 24.79
CA TRP A 175 -35.83 4.09 24.56
C TRP A 175 -36.86 4.77 23.64
N VAL A 176 -37.22 6.00 23.99
CA VAL A 176 -38.22 6.76 23.24
C VAL A 176 -37.80 6.91 21.77
N LEU A 177 -36.52 7.19 21.51
CA LEU A 177 -36.04 7.29 20.13
C LEU A 177 -36.25 6.00 19.34
N CYS A 178 -36.07 4.84 19.99
CA CYS A 178 -36.38 3.55 19.34
C CYS A 178 -37.88 3.39 19.12
N GLU A 179 -38.65 3.65 20.16
CA GLU A 179 -40.11 3.47 20.14
C GLU A 179 -40.77 4.33 19.04
N GLN A 180 -40.19 5.50 18.76
CA GLN A 180 -40.75 6.37 17.71
C GLN A 180 -40.58 5.81 16.30
N ARG A 181 -39.61 4.93 16.08
CA ARG A 181 -39.18 4.54 14.75
C ARG A 181 -39.41 3.03 14.43
N TYR A 182 -39.58 2.21 15.48
CA TYR A 182 -39.55 0.77 15.34
C TYR A 182 -40.72 0.14 16.03
N PRO A 183 -41.21 -0.98 15.48
CA PRO A 183 -42.17 -1.75 16.23
C PRO A 183 -41.63 -2.24 17.57
N ARG A 184 -42.46 -2.20 18.59
CA ARG A 184 -42.03 -2.45 19.98
C ARG A 184 -41.37 -3.80 20.16
N GLU A 185 -41.91 -4.87 19.59
CA GLU A 185 -41.33 -6.17 19.86
C GLU A 185 -39.97 -6.32 19.21
N LEU A 186 -39.70 -5.58 18.14
CA LEU A 186 -38.38 -5.64 17.51
C LEU A 186 -37.37 -5.06 18.52
N ILE A 187 -37.80 -4.00 19.20
CA ILE A 187 -36.91 -3.29 20.13
C ILE A 187 -36.63 -4.22 21.31
N VAL A 188 -37.70 -4.77 21.86
CA VAL A 188 -37.60 -5.66 23.05
C VAL A 188 -36.68 -6.86 22.78
N GLU A 189 -36.86 -7.50 21.64
CA GLU A 189 -36.09 -8.67 21.27
C GLU A 189 -34.62 -8.33 21.10
N ARG A 190 -34.31 -7.20 20.45
CA ARG A 190 -32.92 -6.84 20.25
C ARG A 190 -32.29 -6.43 21.59
N LEU A 191 -33.02 -5.72 22.42
CA LEU A 191 -32.50 -5.30 23.73
C LEU A 191 -32.16 -6.52 24.58
N GLU A 192 -32.95 -7.58 24.46
CA GLU A 192 -32.69 -8.79 25.27
C GLU A 192 -31.34 -9.35 24.89
N VAL A 193 -31.07 -9.42 23.59
CA VAL A 193 -29.79 -9.91 23.08
C VAL A 193 -28.68 -8.98 23.55
N LEU A 194 -28.87 -7.66 23.38
CA LEU A 194 -27.78 -6.74 23.71
C LEU A 194 -27.51 -6.68 25.23
N ALA A 195 -28.55 -6.82 26.02
CA ALA A 195 -28.42 -6.78 27.47
C ALA A 195 -27.59 -7.96 27.92
N LEU A 196 -27.75 -9.12 27.30
CA LEU A 196 -26.88 -10.28 27.66
C LEU A 196 -25.41 -10.04 27.28
N ALA A 197 -25.14 -9.42 26.13
CA ALA A 197 -23.78 -9.01 25.74
C ALA A 197 -23.20 -8.00 26.73
N GLU A 198 -24.04 -7.10 27.24
CA GLU A 198 -23.60 -6.08 28.20
C GLU A 198 -23.15 -6.76 29.51
N VAL A 199 -23.88 -7.77 29.95
CA VAL A 199 -23.50 -8.55 31.15
C VAL A 199 -22.19 -9.29 30.87
N LYS A 200 -22.05 -9.93 29.72
CA LYS A 200 -20.80 -10.65 29.42
C LYS A 200 -19.62 -9.72 29.44
N ALA A 201 -19.85 -8.47 29.00
CA ALA A 201 -18.81 -7.46 28.99
C ALA A 201 -18.34 -7.02 30.39
N LEU A 202 -19.06 -7.40 31.44
CA LEU A 202 -18.71 -7.04 32.80
C LEU A 202 -18.25 -8.26 33.58
N GLU A 203 -18.20 -9.45 32.95
CA GLU A 203 -17.76 -10.65 33.68
C GLU A 203 -16.25 -10.61 33.81
N GLY A 204 -15.74 -11.33 34.81
CA GLY A 204 -14.32 -11.35 35.05
C GLY A 204 -13.97 -10.75 36.40
N ALA A 205 -12.67 -10.79 36.69
CA ALA A 205 -12.14 -10.31 37.95
C ALA A 205 -11.16 -9.20 37.68
N LEU A 206 -11.19 -8.20 38.56
CA LEU A 206 -10.34 -7.03 38.42
C LEU A 206 -8.89 -7.45 38.66
N THR A 207 -7.95 -7.02 37.80
CA THR A 207 -6.55 -7.45 37.94
C THR A 207 -5.85 -6.75 39.09
N ARG A 208 -6.05 -5.44 39.20
CA ARG A 208 -5.41 -4.61 40.22
C ARG A 208 -6.42 -3.62 40.75
N PRO A 209 -6.36 -3.28 42.04
CA PRO A 209 -7.32 -2.32 42.58
C PRO A 209 -7.47 -1.00 41.81
N GLU A 210 -6.36 -0.44 41.36
CA GLU A 210 -6.39 0.84 40.65
C GLU A 210 -6.96 0.76 39.23
N ASP A 211 -7.29 -0.45 38.76
CA ASP A 211 -7.92 -0.64 37.45
C ASP A 211 -9.45 -0.46 37.47
N VAL A 212 -10.01 -0.19 38.64
CA VAL A 212 -11.46 0.05 38.74
C VAL A 212 -11.90 1.27 37.90
N ARG A 213 -13.09 1.15 37.30
CA ARG A 213 -13.61 2.16 36.38
C ARG A 213 -15.13 2.17 36.53
N MET A 214 -15.80 3.13 35.90
CA MET A 214 -17.26 3.12 35.96
C MET A 214 -17.82 1.81 35.40
N HIS A 215 -17.18 1.27 34.38
CA HIS A 215 -17.67 0.05 33.71
C HIS A 215 -16.63 -1.09 33.74
N SER A 216 -15.80 -1.12 34.79
CA SER A 216 -14.92 -2.28 35.02
C SER A 216 -15.74 -3.48 35.48
N CYS A 217 -15.11 -4.64 35.50
CA CYS A 217 -15.80 -5.90 35.69
C CYS A 217 -16.39 -6.00 37.08
N GLY A 218 -17.53 -6.69 37.17
CA GLY A 218 -18.16 -6.95 38.45
C GLY A 218 -19.66 -7.05 38.30
N VAL A 219 -20.15 -8.23 37.93
CA VAL A 219 -21.59 -8.42 37.76
C VAL A 219 -22.01 -9.72 38.45
N ASP A 220 -23.22 -9.74 38.97
CA ASP A 220 -23.75 -10.91 39.68
C ASP A 220 -24.70 -11.60 38.73
N VAL A 221 -24.27 -12.77 38.25
CA VAL A 221 -25.04 -13.51 37.22
C VAL A 221 -25.91 -14.61 37.81
N THR A 222 -25.97 -14.70 39.12
CA THR A 222 -26.62 -15.85 39.79
C THR A 222 -28.13 -15.89 39.67
N GLN A 223 -28.73 -14.84 39.12
CA GLN A 223 -30.17 -14.84 38.84
C GLN A 223 -30.33 -14.49 37.36
N ILE B 23 -15.36 -11.55 4.56
CA ILE B 23 -13.93 -11.15 4.78
C ILE B 23 -13.28 -10.92 3.41
N ARG B 24 -12.70 -9.74 3.22
CA ARG B 24 -11.88 -9.51 2.04
C ARG B 24 -10.44 -9.93 2.39
N TRP B 25 -9.94 -10.96 1.72
CA TRP B 25 -8.58 -11.44 1.97
C TRP B 25 -7.52 -10.69 1.17
N LEU B 26 -7.76 -10.54 -0.13
CA LEU B 26 -6.74 -10.06 -1.04
C LEU B 26 -6.85 -8.56 -1.24
N ALA B 27 -5.69 -7.90 -1.32
CA ALA B 27 -5.63 -6.43 -1.43
C ALA B 27 -5.64 -5.96 -2.89
N ALA B 28 -5.45 -6.87 -3.84
CA ALA B 28 -5.38 -6.48 -5.27
C ALA B 28 -5.63 -7.73 -6.10
N PRO B 29 -6.27 -7.59 -7.27
CA PRO B 29 -6.54 -8.74 -8.13
C PRO B 29 -5.37 -9.12 -9.01
N THR B 30 -5.41 -10.36 -9.48
CA THR B 30 -4.44 -10.85 -10.43
C THR B 30 -4.52 -10.06 -11.76
N SER B 31 -3.37 -9.86 -12.36
CA SER B 31 -3.26 -9.21 -13.67
C SER B 31 -3.69 -10.18 -14.76
N TRP B 32 -4.36 -9.65 -15.78
CA TRP B 32 -4.67 -10.44 -16.96
C TRP B 32 -3.40 -11.05 -17.58
N SER B 33 -2.23 -10.41 -17.38
CA SER B 33 -0.94 -10.98 -17.83
C SER B 33 -0.77 -12.44 -17.36
N TRP B 34 -1.20 -12.73 -16.13
CA TRP B 34 -1.01 -14.06 -15.57
C TRP B 34 -1.94 -15.05 -16.25
N VAL B 35 -3.16 -14.62 -16.52
CA VAL B 35 -4.13 -15.47 -17.19
C VAL B 35 -3.58 -15.85 -18.57
N GLU B 36 -3.01 -14.90 -19.30
CA GLU B 36 -2.51 -15.23 -20.63
C GLU B 36 -1.34 -16.18 -20.53
N GLN B 37 -0.50 -15.97 -19.52
CA GLN B 37 0.67 -16.80 -19.30
C GLN B 37 0.24 -18.22 -18.90
N ALA B 38 -0.77 -18.34 -18.05
CA ALA B 38 -1.25 -19.65 -17.58
C ALA B 38 -1.86 -20.40 -18.76
N ASN B 39 -2.56 -19.65 -19.61
CA ASN B 39 -3.19 -20.26 -20.80
C ASN B 39 -2.16 -20.72 -21.83
N ALA B 40 -1.02 -20.04 -21.91
CA ALA B 40 0.05 -20.42 -22.82
C ALA B 40 0.78 -21.68 -22.38
N HIS B 41 0.96 -21.82 -21.06
CA HIS B 41 1.71 -22.93 -20.48
C HIS B 41 0.91 -23.60 -19.35
N PRO B 42 -0.23 -24.21 -19.72
CA PRO B 42 -1.11 -24.78 -18.73
C PRO B 42 -0.51 -25.93 -17.95
N MET B 43 0.41 -26.71 -18.53
CA MET B 43 0.94 -27.83 -17.79
C MET B 43 1.93 -27.43 -16.69
N GLU B 44 2.69 -26.35 -16.91
CA GLU B 44 3.53 -25.85 -15.83
C GLU B 44 2.65 -25.37 -14.64
N VAL B 45 1.54 -24.72 -14.97
CA VAL B 45 0.60 -24.32 -13.93
C VAL B 45 0.06 -25.55 -13.19
N LEU B 46 -0.38 -26.55 -13.96
CA LEU B 46 -0.99 -27.75 -13.38
C LEU B 46 -0.01 -28.50 -12.49
N ILE B 47 1.23 -28.66 -12.95
CA ILE B 47 2.26 -29.37 -12.19
C ILE B 47 2.56 -28.60 -10.91
N ASP B 48 2.69 -27.29 -11.04
CA ASP B 48 2.95 -26.47 -9.88
C ASP B 48 1.75 -26.54 -8.90
N HIS B 49 0.54 -26.59 -9.44
CA HIS B 49 -0.67 -26.69 -8.62
C HIS B 49 -0.65 -28.00 -7.79
N ALA B 50 -0.24 -29.10 -8.42
CA ALA B 50 -0.10 -30.36 -7.66
C ALA B 50 0.86 -30.17 -6.48
N HIS B 51 2.02 -29.57 -6.73
CA HIS B 51 2.97 -29.30 -5.68
C HIS B 51 2.37 -28.38 -4.61
N CYS B 52 1.56 -27.42 -5.02
CA CYS B 52 0.95 -26.46 -4.07
C CYS B 52 -0.01 -27.21 -3.13
N GLU B 53 -0.78 -28.15 -3.69
CA GLU B 53 -1.73 -28.94 -2.87
C GLU B 53 -0.99 -29.76 -1.83
N ARG B 54 0.08 -30.39 -2.26
CA ARG B 54 0.85 -31.20 -1.36
C ARG B 54 1.56 -30.33 -0.30
N LYS B 55 1.98 -29.13 -0.71
CA LYS B 55 2.59 -28.18 0.23
C LYS B 55 1.57 -27.75 1.27
N ALA B 56 0.34 -27.52 0.84
CA ALA B 56 -0.75 -27.09 1.74
C ALA B 56 -1.03 -28.20 2.78
N ALA B 57 -1.06 -29.45 2.33
CA ALA B 57 -1.17 -30.57 3.29
C ALA B 57 -0.03 -30.57 4.30
N GLY B 58 1.21 -30.48 3.82
CA GLY B 58 2.37 -30.49 4.67
C GLY B 58 2.40 -29.31 5.67
N ALA B 59 1.97 -28.15 5.23
CA ALA B 59 1.84 -26.97 6.13
C ALA B 59 0.90 -27.26 7.29
N ALA B 60 -0.24 -27.86 6.96
CA ALA B 60 -1.26 -28.16 7.97
C ALA B 60 -0.71 -29.21 8.96
N VAL B 61 -0.01 -30.22 8.46
CA VAL B 61 0.55 -31.23 9.37
C VAL B 61 1.62 -30.58 10.25
N GLN B 62 2.45 -29.73 9.65
CA GLN B 62 3.48 -29.03 10.43
C GLN B 62 2.90 -28.13 11.52
N MET B 63 1.79 -27.46 11.24
CA MET B 63 1.13 -26.64 12.24
C MET B 63 0.58 -27.50 13.38
N MET B 64 -0.02 -28.65 13.04
CA MET B 64 -0.43 -29.60 14.07
C MET B 64 0.71 -30.04 14.96
N PHE B 65 1.89 -30.34 14.41
CA PHE B 65 3.02 -30.75 15.25
C PHE B 65 3.50 -29.61 16.12
N ARG B 66 3.53 -28.39 15.59
CA ARG B 66 4.00 -27.24 16.37
C ARG B 66 3.06 -26.93 17.55
N TYR B 67 1.75 -27.10 17.34
CA TYR B 67 0.71 -26.85 18.31
C TYR B 67 0.06 -28.18 18.68
N LEU B 68 0.92 -29.04 19.21
CA LEU B 68 0.68 -30.48 19.33
C LEU B 68 -0.65 -30.83 19.99
N CYS B 69 -0.98 -30.13 21.07
CA CYS B 69 -2.22 -30.38 21.80
C CYS B 69 -3.19 -29.19 21.87
N GLU B 70 -3.03 -28.20 20.99
CA GLU B 70 -3.94 -27.05 20.93
C GLU B 70 -5.39 -27.48 20.75
N PRO B 71 -6.28 -27.08 21.68
CA PRO B 71 -7.64 -27.51 21.51
C PRO B 71 -8.23 -27.12 20.16
N GLY B 72 -8.92 -28.08 19.55
CA GLY B 72 -9.62 -27.93 18.29
C GLY B 72 -8.77 -27.99 17.04
N LEU B 73 -7.45 -27.95 17.17
CA LEU B 73 -6.63 -27.79 15.98
C LEU B 73 -6.47 -29.06 15.17
N GLY B 74 -6.16 -30.17 15.82
CA GLY B 74 -6.15 -31.46 15.10
C GLY B 74 -7.47 -31.76 14.40
N GLU B 75 -8.60 -31.46 15.05
CA GLU B 75 -9.90 -31.75 14.48
C GLU B 75 -10.14 -31.02 13.18
N ALA B 76 -9.58 -29.81 13.08
CA ALA B 76 -9.79 -28.95 11.90
C ALA B 76 -8.74 -29.25 10.83
N LEU B 77 -7.49 -29.31 11.27
CA LEU B 77 -6.40 -29.39 10.31
C LEU B 77 -6.14 -30.80 9.75
N SER B 78 -6.47 -31.87 10.47
CA SER B 78 -6.29 -33.21 9.91
C SER B 78 -7.21 -33.46 8.69
N PRO B 79 -8.52 -33.14 8.79
CA PRO B 79 -9.32 -33.31 7.59
C PRO B 79 -8.89 -32.38 6.45
N LEU B 80 -8.44 -31.18 6.78
CA LEU B 80 -7.93 -30.26 5.75
C LEU B 80 -6.74 -30.88 5.03
N ALA B 81 -5.75 -31.37 5.77
CA ALA B 81 -4.57 -31.99 5.14
C ALA B 81 -4.99 -33.15 4.25
N ARG B 82 -5.94 -33.99 4.70
CA ARG B 82 -6.41 -35.05 3.86
C ARG B 82 -7.05 -34.55 2.57
N GLU B 83 -7.88 -33.52 2.65
CA GLU B 83 -8.49 -32.98 1.45
C GLU B 83 -7.44 -32.41 0.47
N GLU B 84 -6.42 -31.74 0.98
CA GLU B 84 -5.35 -31.27 0.11
C GLU B 84 -4.59 -32.41 -0.56
N LEU B 85 -4.38 -33.51 0.16
CA LEU B 85 -3.77 -34.68 -0.46
C LEU B 85 -4.68 -35.32 -1.51
N GLU B 86 -5.99 -35.32 -1.27
CA GLU B 86 -6.93 -35.77 -2.31
C GLU B 86 -6.78 -34.91 -3.56
N HIS B 87 -6.64 -33.60 -3.38
CA HIS B 87 -6.47 -32.67 -4.49
C HIS B 87 -5.18 -32.95 -5.24
N PHE B 88 -4.10 -33.14 -4.49
CA PHE B 88 -2.85 -33.57 -5.08
C PHE B 88 -3.04 -34.79 -5.98
N GLU B 89 -3.71 -35.81 -5.44
CA GLU B 89 -3.90 -37.06 -6.17
C GLU B 89 -4.74 -36.84 -7.43
N GLN B 90 -5.78 -36.01 -7.32
CA GLN B 90 -6.63 -35.69 -8.47
C GLN B 90 -5.87 -34.96 -9.58
N VAL B 91 -5.08 -33.96 -9.19
CA VAL B 91 -4.32 -33.17 -10.16
C VAL B 91 -3.24 -34.05 -10.81
N LEU B 92 -2.62 -34.94 -10.02
CA LEU B 92 -1.62 -35.85 -10.52
C LEU B 92 -2.23 -36.76 -11.58
N ALA B 93 -3.41 -37.26 -11.29
CA ALA B 93 -4.07 -38.13 -12.27
C ALA B 93 -4.27 -37.42 -13.60
N LEU B 94 -4.65 -36.15 -13.56
CA LEU B 94 -4.85 -35.40 -14.80
C LEU B 94 -3.48 -35.14 -15.50
N ILE B 95 -2.45 -34.80 -14.74
CA ILE B 95 -1.12 -34.59 -15.32
C ILE B 95 -0.69 -35.82 -16.15
N LYS B 96 -0.91 -37.02 -15.59
CA LYS B 96 -0.56 -38.26 -16.25
C LYS B 96 -1.44 -38.51 -17.46
N ALA B 97 -2.72 -38.17 -17.34
CA ALA B 97 -3.62 -38.32 -18.50
C ALA B 97 -3.19 -37.42 -19.66
N ARG B 98 -2.45 -36.37 -19.35
CA ARG B 98 -1.95 -35.44 -20.36
C ARG B 98 -0.52 -35.72 -20.76
N GLY B 99 0.01 -36.86 -20.33
CA GLY B 99 1.30 -37.33 -20.80
C GLY B 99 2.51 -36.85 -20.08
N ARG B 100 2.32 -36.20 -18.93
CA ARG B 100 3.47 -35.75 -18.15
C ARG B 100 3.46 -36.33 -16.74
N TYR B 101 4.42 -35.91 -15.90
CA TYR B 101 4.48 -36.35 -14.51
C TYR B 101 4.89 -35.15 -13.67
N LEU B 102 4.96 -35.34 -12.37
CA LEU B 102 5.48 -34.31 -11.51
C LEU B 102 6.88 -34.02 -11.98
N GLU B 103 7.21 -32.72 -12.02
CA GLU B 103 8.54 -32.25 -12.43
C GLU B 103 8.98 -31.27 -11.37
N PRO B 104 10.29 -31.10 -11.20
CA PRO B 104 10.80 -30.22 -10.15
C PRO B 104 10.90 -28.76 -10.60
N LEU B 105 9.77 -28.21 -11.01
CA LEU B 105 9.66 -26.86 -11.48
C LEU B 105 9.95 -25.95 -10.29
N PRO B 106 11.02 -25.13 -10.39
CA PRO B 106 11.34 -24.27 -9.26
C PRO B 106 10.14 -23.40 -8.84
N SER B 107 9.89 -23.31 -7.54
CA SER B 107 8.82 -22.48 -7.00
C SER B 107 9.10 -21.00 -7.23
N PRO B 108 8.04 -20.20 -7.37
CA PRO B 108 8.30 -18.77 -7.43
C PRO B 108 8.74 -18.27 -6.04
N GLY B 109 9.20 -17.02 -5.94
CA GLY B 109 9.65 -16.44 -4.65
C GLY B 109 8.55 -16.18 -3.63
N TYR B 110 7.31 -16.27 -4.11
CA TYR B 110 6.12 -15.98 -3.33
C TYR B 110 6.08 -16.65 -1.97
N GLY B 111 6.24 -17.97 -1.96
CA GLY B 111 6.16 -18.70 -0.71
C GLY B 111 7.18 -18.26 0.32
N ALA B 112 8.43 -18.08 -0.12
CA ALA B 112 9.51 -17.66 0.80
C ALA B 112 9.23 -16.25 1.31
N ASP B 113 8.74 -15.37 0.44
CA ASP B 113 8.39 -13.97 0.82
C ASP B 113 7.30 -13.95 1.87
N LEU B 114 6.27 -14.78 1.69
CA LEU B 114 5.20 -14.82 2.69
C LEU B 114 5.64 -15.42 4.01
N ALA B 115 6.44 -16.47 3.95
CA ALA B 115 7.01 -17.11 5.16
C ALA B 115 7.75 -16.08 6.03
N ARG B 116 8.38 -15.07 5.41
CA ARG B 116 9.12 -14.05 6.17
C ARG B 116 8.22 -13.14 6.97
N GLN B 117 6.92 -13.11 6.66
CA GLN B 117 5.96 -12.29 7.39
C GLN B 117 5.53 -12.94 8.70
N ILE B 118 5.88 -14.21 8.92
CA ILE B 118 5.45 -14.88 10.13
C ILE B 118 6.39 -14.54 11.29
N ARG B 119 5.83 -13.89 12.28
CA ARG B 119 6.61 -13.41 13.42
C ARG B 119 7.06 -14.58 14.28
N LYS B 120 8.12 -14.37 15.05
CA LYS B 120 8.81 -15.45 15.75
C LYS B 120 8.19 -15.94 17.05
N GLY B 121 7.54 -15.07 17.80
CA GLY B 121 7.05 -15.46 19.14
C GLY B 121 5.56 -15.69 19.20
N GLU B 122 5.10 -16.45 20.19
CA GLU B 122 3.67 -16.67 20.39
C GLU B 122 3.06 -15.58 21.26
N PRO B 123 1.75 -15.30 21.09
CA PRO B 123 0.82 -15.95 20.16
C PRO B 123 0.78 -15.27 18.77
N GLN B 124 1.68 -14.34 18.52
CA GLN B 124 1.74 -13.72 17.18
C GLN B 124 2.00 -14.74 16.08
N ARG B 125 2.87 -15.69 16.36
CA ARG B 125 3.26 -16.65 15.34
C ARG B 125 2.09 -17.52 14.85
N MET B 126 1.29 -18.02 15.76
CA MET B 126 0.11 -18.79 15.35
C MET B 126 -0.84 -17.97 14.47
N LEU B 127 -1.16 -16.75 14.90
CA LEU B 127 -2.07 -15.87 14.17
C LEU B 127 -1.54 -15.69 12.75
N ASP B 128 -0.25 -15.39 12.65
CA ASP B 128 0.34 -15.12 11.33
C ASP B 128 0.35 -16.38 10.47
N SER B 129 0.57 -17.53 11.09
CA SER B 129 0.64 -18.82 10.37
C SER B 129 -0.74 -19.13 9.76
N PHE B 130 -1.80 -18.92 10.51
CA PHE B 130 -3.15 -19.10 9.98
C PHE B 130 -3.51 -18.07 8.90
N LEU B 131 -3.12 -16.82 9.12
CA LEU B 131 -3.45 -15.77 8.15
C LEU B 131 -2.66 -15.93 6.86
N VAL B 132 -1.39 -16.28 6.96
CA VAL B 132 -0.61 -16.56 5.75
C VAL B 132 -1.15 -17.76 4.99
N ALA B 133 -1.51 -18.85 5.68
CA ALA B 133 -2.11 -19.99 5.00
C ALA B 133 -3.40 -19.58 4.31
N GLY B 134 -4.23 -18.80 4.98
CA GLY B 134 -5.48 -18.34 4.41
C GLY B 134 -5.28 -17.48 3.16
N LEU B 135 -4.30 -16.59 3.24
CA LEU B 135 -3.99 -15.72 2.07
C LEU B 135 -3.55 -16.54 0.85
N ILE B 136 -2.72 -17.55 1.06
CA ILE B 136 -2.21 -18.36 -0.04
C ILE B 136 -3.40 -19.08 -0.69
N GLU B 137 -4.28 -19.57 0.16
CA GLU B 137 -5.51 -20.23 -0.30
C GLU B 137 -6.44 -19.27 -1.03
N ALA B 138 -6.62 -18.06 -0.50
CA ALA B 138 -7.43 -17.06 -1.16
C ALA B 138 -6.89 -16.68 -2.56
N ARG B 139 -5.57 -16.56 -2.68
CA ARG B 139 -4.96 -16.25 -3.96
C ARG B 139 -5.13 -17.39 -4.94
N SER B 140 -4.89 -18.62 -4.47
CA SER B 140 -5.15 -19.80 -5.31
C SER B 140 -6.58 -19.84 -5.81
N HIS B 141 -7.52 -19.61 -4.91
CA HIS B 141 -8.95 -19.58 -5.27
C HIS B 141 -9.23 -18.51 -6.32
N GLU B 142 -8.69 -17.32 -6.10
CA GLU B 142 -8.90 -16.22 -7.02
C GLU B 142 -8.39 -16.57 -8.43
N ARG B 143 -7.21 -17.16 -8.49
CA ARG B 143 -6.62 -17.51 -9.78
C ARG B 143 -7.30 -18.72 -10.41
N MET B 144 -7.65 -19.73 -9.63
CA MET B 144 -8.43 -20.86 -10.18
C MET B 144 -9.79 -20.38 -10.71
N ALA B 145 -10.38 -19.39 -10.08
CA ALA B 145 -11.67 -18.85 -10.57
C ALA B 145 -11.49 -18.18 -11.93
N LEU B 146 -10.36 -17.51 -12.12
CA LEU B 146 -10.03 -16.94 -13.44
C LEU B 146 -9.89 -18.03 -14.48
N LEU B 147 -9.20 -19.12 -14.15
CA LEU B 147 -8.98 -20.20 -15.13
C LEU B 147 -10.29 -20.95 -15.42
N ALA B 148 -11.13 -21.08 -14.39
CA ALA B 148 -12.44 -21.73 -14.55
C ALA B 148 -13.29 -21.02 -15.59
N GLU B 149 -13.11 -19.70 -15.72
CA GLU B 149 -13.84 -18.91 -16.72
C GLU B 149 -13.06 -18.77 -18.02
N HIS B 150 -11.76 -18.56 -17.94
CA HIS B 150 -11.01 -18.05 -19.09
C HIS B 150 -10.09 -19.06 -19.77
N SER B 151 -9.97 -20.28 -19.23
CA SER B 151 -9.14 -21.25 -19.91
C SER B 151 -9.84 -21.67 -21.20
N PRO B 152 -9.09 -21.79 -22.30
CA PRO B 152 -9.67 -22.30 -23.57
C PRO B 152 -9.96 -23.80 -23.54
N ASP B 153 -9.57 -24.47 -22.46
CA ASP B 153 -9.59 -25.92 -22.36
C ASP B 153 -10.74 -26.32 -21.43
N PRO B 154 -11.82 -26.92 -21.99
CA PRO B 154 -12.95 -27.24 -21.10
C PRO B 154 -12.62 -28.19 -19.96
N GLN B 155 -11.63 -29.05 -20.18
CA GLN B 155 -11.23 -30.02 -19.18
C GLN B 155 -10.58 -29.26 -18.02
N LEU B 156 -9.79 -28.24 -18.34
CA LEU B 156 -9.20 -27.39 -17.28
C LEU B 156 -10.27 -26.51 -16.62
N ARG B 157 -11.17 -25.92 -17.39
CA ARG B 157 -12.28 -25.18 -16.76
C ARG B 157 -13.01 -26.06 -15.74
N GLU B 158 -13.28 -27.32 -16.10
CA GLU B 158 -13.96 -28.22 -15.21
C GLU B 158 -13.15 -28.54 -13.94
N LEU B 159 -11.86 -28.83 -14.10
CA LEU B 159 -11.01 -29.11 -12.96
C LEU B 159 -11.00 -27.94 -11.98
N TYR B 160 -10.73 -26.75 -12.52
CA TYR B 160 -10.61 -25.57 -11.65
C TYR B 160 -11.97 -25.16 -11.07
N SER B 161 -13.05 -25.29 -11.86
CA SER B 161 -14.38 -25.06 -11.33
C SER B 161 -14.71 -25.99 -10.17
N ASP B 162 -14.34 -27.26 -10.31
CA ASP B 162 -14.66 -28.33 -9.34
C ASP B 162 -13.95 -28.08 -8.01
N LEU B 163 -12.80 -27.40 -8.06
CA LEU B 163 -11.98 -27.17 -6.85
C LEU B 163 -12.29 -25.87 -6.09
N LEU B 164 -13.05 -24.96 -6.69
CA LEU B 164 -13.26 -23.63 -6.10
C LEU B 164 -13.93 -23.67 -4.76
N ALA B 165 -15.07 -24.39 -4.65
CA ALA B 165 -15.78 -24.40 -3.38
C ALA B 165 -14.93 -24.86 -2.20
N SER B 166 -14.13 -25.92 -2.37
CA SER B 166 -13.29 -26.42 -1.29
C SER B 166 -12.23 -25.39 -0.91
N GLU B 167 -11.62 -24.73 -1.90
CA GLU B 167 -10.61 -23.69 -1.60
C GLU B 167 -11.20 -22.58 -0.76
N ALA B 168 -12.42 -22.16 -1.07
CA ALA B 168 -13.11 -21.14 -0.26
C ALA B 168 -13.35 -21.61 1.17
N ARG B 169 -13.72 -22.87 1.32
CA ARG B 169 -13.86 -23.46 2.66
C ARG B 169 -12.53 -23.48 3.43
N HIS B 170 -11.42 -23.68 2.73
CA HIS B 170 -10.11 -23.72 3.40
C HIS B 170 -9.70 -22.34 3.96
N PHE B 171 -9.80 -21.29 3.16
CA PHE B 171 -9.52 -19.96 3.73
C PHE B 171 -10.56 -19.57 4.78
N GLY B 172 -11.80 -20.02 4.62
CA GLY B 172 -12.79 -19.78 5.66
C GLY B 172 -12.42 -20.45 6.97
N LEU B 173 -11.85 -21.64 6.89
CA LEU B 173 -11.45 -22.40 8.09
C LEU B 173 -10.32 -21.65 8.80
N TYR B 174 -9.32 -21.22 8.04
CA TYR B 174 -8.22 -20.49 8.67
C TYR B 174 -8.73 -19.22 9.34
N TRP B 175 -9.70 -18.53 8.75
CA TRP B 175 -10.29 -17.36 9.37
C TRP B 175 -10.94 -17.74 10.70
N VAL B 176 -11.76 -18.78 10.69
CA VAL B 176 -12.42 -19.25 11.90
C VAL B 176 -11.42 -19.61 13.01
N LEU B 177 -10.33 -20.29 12.67
CA LEU B 177 -9.33 -20.63 13.69
C LEU B 177 -8.77 -19.37 14.35
N CYS B 178 -8.64 -18.29 13.58
CA CYS B 178 -8.22 -17.01 14.14
C CYS B 178 -9.31 -16.41 15.03
N GLU B 179 -10.53 -16.38 14.52
CA GLU B 179 -11.70 -15.78 15.20
C GLU B 179 -11.94 -16.46 16.56
N GLN B 180 -11.67 -17.75 16.64
CA GLN B 180 -11.82 -18.49 17.91
C GLN B 180 -10.80 -18.13 19.00
N ARG B 181 -9.70 -17.48 18.63
CA ARG B 181 -8.54 -17.38 19.49
C ARG B 181 -8.00 -15.97 19.72
N TYR B 182 -8.42 -15.01 18.89
CA TYR B 182 -7.93 -13.64 18.91
C TYR B 182 -9.09 -12.68 18.70
N PRO B 183 -9.03 -11.49 19.33
CA PRO B 183 -10.05 -10.48 19.04
C PRO B 183 -10.09 -10.08 17.55
N ARG B 184 -11.29 -9.83 17.06
CA ARG B 184 -11.50 -9.64 15.62
C ARG B 184 -10.71 -8.46 15.06
N GLU B 185 -10.63 -7.38 15.84
CA GLU B 185 -9.90 -6.19 15.42
C GLU B 185 -8.42 -6.47 15.19
N LEU B 186 -7.83 -7.29 16.07
CA LEU B 186 -6.41 -7.64 15.98
C LEU B 186 -6.17 -8.44 14.70
N ILE B 187 -7.10 -9.33 14.40
CA ILE B 187 -6.98 -10.21 13.23
C ILE B 187 -7.04 -9.37 11.97
N VAL B 188 -8.06 -8.50 11.88
CA VAL B 188 -8.26 -7.63 10.71
C VAL B 188 -7.06 -6.72 10.47
N GLU B 189 -6.50 -6.16 11.54
CA GLU B 189 -5.35 -5.27 11.41
C GLU B 189 -4.14 -6.02 10.88
N ARG B 190 -3.90 -7.23 11.39
CA ARG B 190 -2.77 -8.00 10.92
C ARG B 190 -3.00 -8.47 9.51
N LEU B 191 -4.22 -8.88 9.20
CA LEU B 191 -4.51 -9.31 7.82
C LEU B 191 -4.27 -8.20 6.81
N GLU B 192 -4.67 -6.98 7.14
CA GLU B 192 -4.41 -5.84 6.22
C GLU B 192 -2.89 -5.70 5.90
N VAL B 193 -2.03 -5.82 6.90
CA VAL B 193 -0.59 -5.74 6.71
C VAL B 193 -0.10 -6.93 5.87
N LEU B 194 -0.52 -8.14 6.24
CA LEU B 194 -0.11 -9.30 5.48
C LEU B 194 -0.57 -9.29 4.04
N ALA B 195 -1.78 -8.81 3.82
CA ALA B 195 -2.34 -8.71 2.46
C ALA B 195 -1.52 -7.79 1.56
N LEU B 196 -1.00 -6.70 2.12
CA LEU B 196 -0.11 -5.82 1.34
C LEU B 196 1.20 -6.51 1.00
N ALA B 197 1.75 -7.28 1.93
CA ALA B 197 2.95 -8.05 1.71
C ALA B 197 2.73 -9.14 0.66
N GLU B 198 1.54 -9.72 0.67
CA GLU B 198 1.19 -10.74 -0.33
C GLU B 198 1.12 -10.18 -1.76
N VAL B 199 0.62 -8.96 -1.89
CA VAL B 199 0.62 -8.27 -3.20
C VAL B 199 2.07 -8.00 -3.61
N LYS B 200 2.93 -7.52 -2.69
CA LYS B 200 4.32 -7.29 -3.10
C LYS B 200 5.01 -8.54 -3.59
N ALA B 201 4.63 -9.70 -3.01
CA ALA B 201 5.21 -10.97 -3.42
C ALA B 201 4.81 -11.43 -4.84
N LEU B 202 3.79 -10.78 -5.40
CA LEU B 202 3.30 -11.05 -6.75
C LEU B 202 3.71 -9.99 -7.75
N GLU B 203 4.40 -8.92 -7.34
CA GLU B 203 4.80 -7.93 -8.32
C GLU B 203 5.96 -8.40 -9.16
N GLY B 204 6.11 -7.76 -10.31
CA GLY B 204 7.18 -8.08 -11.24
C GLY B 204 6.65 -8.61 -12.55
N ALA B 205 7.60 -8.88 -13.44
CA ALA B 205 7.33 -9.40 -14.77
C ALA B 205 7.94 -10.77 -14.97
N LEU B 206 7.19 -11.64 -15.66
CA LEU B 206 7.60 -13.02 -15.82
C LEU B 206 8.77 -13.10 -16.79
N THR B 207 9.83 -13.80 -16.40
CA THR B 207 11.07 -13.81 -17.16
C THR B 207 10.96 -14.62 -18.43
N ARG B 208 10.37 -15.82 -18.31
CA ARG B 208 10.19 -16.73 -19.43
C ARG B 208 8.80 -17.35 -19.35
N PRO B 209 8.17 -17.64 -20.50
CA PRO B 209 6.81 -18.18 -20.45
C PRO B 209 6.65 -19.45 -19.57
N GLU B 210 7.67 -20.30 -19.59
CA GLU B 210 7.62 -21.58 -18.91
C GLU B 210 7.78 -21.42 -17.37
N ASP B 211 8.08 -20.21 -16.91
CA ASP B 211 8.22 -19.93 -15.49
C ASP B 211 6.88 -19.62 -14.82
N VAL B 212 5.77 -19.70 -15.54
CA VAL B 212 4.47 -19.46 -14.96
C VAL B 212 4.14 -20.55 -13.89
N ARG B 213 3.45 -20.13 -12.84
CA ARG B 213 3.16 -21.02 -11.70
C ARG B 213 1.83 -20.58 -11.10
N MET B 214 1.28 -21.33 -10.15
CA MET B 214 0.04 -20.83 -9.54
C MET B 214 0.21 -19.47 -8.87
N HIS B 215 1.42 -19.24 -8.30
CA HIS B 215 1.71 -18.01 -7.58
C HIS B 215 2.87 -17.25 -8.20
N SER B 216 3.02 -17.37 -9.52
CA SER B 216 3.99 -16.52 -10.22
C SER B 216 3.46 -15.07 -10.30
N CYS B 217 4.36 -14.16 -10.68
CA CYS B 217 4.05 -12.75 -10.66
C CYS B 217 2.92 -12.37 -11.60
N GLY B 218 2.18 -11.36 -11.20
CA GLY B 218 1.14 -10.77 -12.04
C GLY B 218 0.01 -10.26 -11.21
N VAL B 219 0.13 -9.02 -10.74
CA VAL B 219 -0.90 -8.41 -9.95
C VAL B 219 -1.15 -6.98 -10.43
N ASP B 220 -2.41 -6.58 -10.40
CA ASP B 220 -2.81 -5.23 -10.80
C ASP B 220 -2.91 -4.36 -9.54
N VAL B 221 -1.93 -3.47 -9.37
CA VAL B 221 -1.82 -2.63 -8.17
C VAL B 221 -2.49 -1.25 -8.34
N THR B 222 -3.13 -1.01 -9.49
CA THR B 222 -3.58 0.34 -9.81
C THR B 222 -4.69 0.88 -8.90
N GLN B 223 -5.47 0.01 -8.27
CA GLN B 223 -6.56 0.45 -7.38
C GLN B 223 -6.20 0.25 -5.90
N ARG C 24 38.01 1.30 1.60
CA ARG C 24 37.19 1.18 2.84
C ARG C 24 36.83 2.56 3.39
N TRP C 25 35.59 2.97 3.25
CA TRP C 25 35.16 4.26 3.79
C TRP C 25 34.94 4.29 5.29
N LEU C 26 34.19 3.32 5.82
CA LEU C 26 33.71 3.33 7.19
C LEU C 26 34.61 2.54 8.13
N ALA C 27 34.83 3.07 9.32
CA ALA C 27 35.71 2.46 10.31
C ALA C 27 35.04 1.45 11.24
N ALA C 28 33.70 1.37 11.17
CA ALA C 28 32.98 0.42 11.98
C ALA C 28 31.57 0.31 11.43
N PRO C 29 30.95 -0.87 11.57
CA PRO C 29 29.61 -1.11 11.13
C PRO C 29 28.58 -0.56 12.12
N THR C 30 27.38 -0.35 11.60
CA THR C 30 26.23 0.03 12.42
C THR C 30 25.86 -1.11 13.39
N SER C 31 25.39 -0.74 14.57
CA SER C 31 24.98 -1.69 15.57
C SER C 31 23.56 -2.20 15.28
N TRP C 32 23.29 -3.43 15.72
CA TRP C 32 21.97 -3.99 15.48
C TRP C 32 20.87 -3.21 16.19
N SER C 33 21.20 -2.54 17.29
CA SER C 33 20.26 -1.65 17.99
C SER C 33 19.64 -0.64 17.03
N TRP C 34 20.43 -0.13 16.11
CA TRP C 34 19.89 0.85 15.14
C TRP C 34 18.87 0.21 14.20
N VAL C 35 19.19 -1.00 13.72
CA VAL C 35 18.29 -1.71 12.84
C VAL C 35 16.98 -1.96 13.59
N GLU C 36 17.10 -2.40 14.85
CA GLU C 36 15.87 -2.60 15.66
C GLU C 36 15.03 -1.30 15.78
N GLN C 37 15.73 -0.22 16.06
CA GLN C 37 15.08 1.08 16.23
C GLN C 37 14.44 1.57 14.92
N ALA C 38 15.14 1.36 13.80
CA ALA C 38 14.60 1.73 12.49
C ALA C 38 13.39 0.90 12.14
N ASN C 39 13.42 -0.36 12.52
CA ASN C 39 12.24 -1.21 12.24
C ASN C 39 11.05 -0.85 13.11
N ALA C 40 11.32 -0.34 14.31
CA ALA C 40 10.24 0.08 15.20
C ALA C 40 9.54 1.35 14.74
N HIS C 41 10.30 2.26 14.09
CA HIS C 41 9.76 3.58 13.72
C HIS C 41 10.17 3.87 12.29
N PRO C 42 9.67 3.07 11.36
CA PRO C 42 10.12 3.21 9.99
C PRO C 42 9.77 4.51 9.32
N MET C 43 8.68 5.14 9.73
CA MET C 43 8.30 6.39 9.07
C MET C 43 9.20 7.56 9.47
N GLU C 44 9.68 7.58 10.71
CA GLU C 44 10.66 8.61 11.12
C GLU C 44 11.93 8.45 10.27
N VAL C 45 12.34 7.20 10.03
CA VAL C 45 13.52 6.98 9.20
C VAL C 45 13.26 7.42 7.78
N LEU C 46 12.09 7.08 7.22
CA LEU C 46 11.78 7.50 5.84
C LEU C 46 11.72 9.01 5.63
N ILE C 47 11.05 9.71 6.55
CA ILE C 47 10.94 11.15 6.45
C ILE C 47 12.34 11.76 6.54
N ASP C 48 13.14 11.29 7.49
CA ASP C 48 14.51 11.79 7.59
C ASP C 48 15.33 11.49 6.34
N HIS C 49 15.13 10.31 5.79
CA HIS C 49 15.82 9.90 4.60
C HIS C 49 15.49 10.85 3.42
N ALA C 50 14.22 11.20 3.27
CA ALA C 50 13.86 12.17 2.25
C ALA C 50 14.62 13.48 2.43
N HIS C 51 14.70 13.97 3.66
CA HIS C 51 15.45 15.18 3.94
C HIS C 51 16.92 15.00 3.61
N CYS C 52 17.46 13.85 3.96
CA CYS C 52 18.87 13.56 3.67
C CYS C 52 19.15 13.59 2.18
N GLU C 53 18.25 13.05 1.36
CA GLU C 53 18.49 13.00 -0.10
C GLU C 53 18.49 14.40 -0.65
N ARG C 54 17.54 15.22 -0.21
CA ARG C 54 17.47 16.57 -0.71
C ARG C 54 18.69 17.38 -0.22
N LYS C 55 19.14 17.13 1.00
CA LYS C 55 20.34 17.76 1.54
C LYS C 55 21.56 17.38 0.68
N ALA C 56 21.63 16.12 0.28
CA ALA C 56 22.76 15.63 -0.58
C ALA C 56 22.77 16.40 -1.90
N ALA C 57 21.59 16.58 -2.47
CA ALA C 57 21.46 17.33 -3.72
C ALA C 57 21.94 18.77 -3.54
N GLY C 58 21.48 19.42 -2.46
CA GLY C 58 21.85 20.77 -2.20
C GLY C 58 23.35 20.94 -1.99
N ALA C 59 23.96 19.97 -1.31
CA ALA C 59 25.41 20.00 -1.04
C ALA C 59 26.16 19.97 -2.38
N ALA C 60 25.72 19.11 -3.28
CA ALA C 60 26.37 18.99 -4.58
C ALA C 60 26.24 20.29 -5.39
N VAL C 61 25.06 20.88 -5.38
CA VAL C 61 24.87 22.14 -6.07
C VAL C 61 25.73 23.24 -5.42
N GLN C 62 25.77 23.29 -4.10
CA GLN C 62 26.61 24.30 -3.39
C GLN C 62 28.08 24.11 -3.77
N MET C 63 28.54 22.86 -3.86
CA MET C 63 29.95 22.63 -4.24
C MET C 63 30.20 23.12 -5.67
N MET C 64 29.26 22.91 -6.57
CA MET C 64 29.40 23.42 -7.94
C MET C 64 29.49 24.94 -7.98
N PHE C 65 28.70 25.62 -7.16
CA PHE C 65 28.77 27.09 -7.14
C PHE C 65 30.08 27.54 -6.53
N ARG C 66 30.54 26.85 -5.50
CA ARG C 66 31.79 27.25 -4.83
C ARG C 66 33.00 27.12 -5.74
N TYR C 67 32.99 26.08 -6.55
CA TYR C 67 34.11 25.76 -7.45
C TYR C 67 33.55 25.88 -8.85
N LEU C 68 33.16 27.11 -9.18
CA LEU C 68 32.23 27.40 -10.27
C LEU C 68 32.63 26.85 -11.65
N CYS C 69 33.92 26.95 -11.97
CA CYS C 69 34.43 26.47 -13.24
C CYS C 69 35.49 25.38 -13.08
N GLU C 70 35.51 24.69 -11.94
CA GLU C 70 36.55 23.68 -11.68
C GLU C 70 36.45 22.64 -12.77
N PRO C 71 37.57 22.35 -13.46
CA PRO C 71 37.44 21.42 -14.59
C PRO C 71 36.89 20.05 -14.21
N GLY C 72 35.87 19.63 -14.96
CA GLY C 72 35.22 18.33 -14.81
C GLY C 72 34.12 18.27 -13.76
N LEU C 73 34.01 19.30 -12.93
CA LEU C 73 33.21 19.15 -11.70
C LEU C 73 31.72 19.14 -12.03
N GLY C 74 31.29 20.07 -12.89
CA GLY C 74 29.90 20.11 -13.27
C GLY C 74 29.37 18.84 -13.92
N GLU C 75 30.19 18.25 -14.77
CA GLU C 75 29.81 17.03 -15.45
C GLU C 75 29.56 15.88 -14.46
N ALA C 76 30.26 15.87 -13.34
CA ALA C 76 30.12 14.84 -12.34
C ALA C 76 29.02 15.15 -11.32
N LEU C 77 29.03 16.38 -10.79
CA LEU C 77 28.10 16.72 -9.69
C LEU C 77 26.71 17.07 -10.16
N SER C 78 26.54 17.54 -11.39
CA SER C 78 25.17 17.82 -11.84
C SER C 78 24.32 16.54 -11.93
N PRO C 79 24.80 15.48 -12.61
CA PRO C 79 24.01 14.24 -12.61
C PRO C 79 23.79 13.64 -11.22
N LEU C 80 24.78 13.76 -10.35
CA LEU C 80 24.66 13.26 -8.97
C LEU C 80 23.51 14.02 -8.28
N ALA C 81 23.52 15.33 -8.44
CA ALA C 81 22.44 16.14 -7.79
C ALA C 81 21.10 15.71 -8.32
N ARG C 82 20.98 15.50 -9.63
CA ARG C 82 19.72 15.04 -10.18
C ARG C 82 19.29 13.73 -9.58
N GLU C 83 20.23 12.81 -9.42
CA GLU C 83 19.92 11.50 -8.89
C GLU C 83 19.43 11.61 -7.46
N GLU C 84 20.07 12.46 -6.66
CA GLU C 84 19.63 12.65 -5.28
C GLU C 84 18.21 13.24 -5.23
N LEU C 85 17.90 14.16 -6.13
CA LEU C 85 16.53 14.67 -6.24
C LEU C 85 15.53 13.60 -6.66
N GLU C 86 15.92 12.74 -7.59
CA GLU C 86 15.06 11.60 -7.94
C GLU C 86 14.79 10.75 -6.71
N HIS C 87 15.82 10.49 -5.91
CA HIS C 87 15.65 9.71 -4.67
C HIS C 87 14.69 10.40 -3.73
N PHE C 88 14.87 11.72 -3.53
CA PHE C 88 13.95 12.51 -2.73
C PHE C 88 12.49 12.28 -3.18
N GLU C 89 12.27 12.44 -4.48
CA GLU C 89 10.93 12.24 -5.04
C GLU C 89 10.38 10.85 -4.80
N GLN C 90 11.23 9.83 -4.96
CA GLN C 90 10.80 8.45 -4.75
C GLN C 90 10.42 8.21 -3.29
N VAL C 91 11.21 8.72 -2.38
CA VAL C 91 10.96 8.53 -0.96
C VAL C 91 9.69 9.31 -0.55
N LEU C 92 9.57 10.54 -1.06
CA LEU C 92 8.40 11.37 -0.73
C LEU C 92 7.11 10.67 -1.21
N ALA C 93 7.15 10.08 -2.37
CA ALA C 93 6.01 9.34 -2.91
C ALA C 93 5.61 8.20 -1.99
N LEU C 94 6.61 7.50 -1.45
CA LEU C 94 6.32 6.38 -0.56
C LEU C 94 5.74 6.87 0.75
N ILE C 95 6.30 7.95 1.30
CA ILE C 95 5.80 8.57 2.53
C ILE C 95 4.31 8.86 2.40
N LYS C 96 3.96 9.47 1.28
CA LYS C 96 2.55 9.82 0.99
C LYS C 96 1.70 8.58 0.80
N ALA C 97 2.22 7.57 0.11
CA ALA C 97 1.46 6.30 -0.09
C ALA C 97 1.21 5.61 1.25
N ARG C 98 2.04 5.85 2.24
CA ARG C 98 1.89 5.27 3.59
C ARG C 98 1.15 6.21 4.56
N GLY C 99 0.52 7.24 4.03
CA GLY C 99 -0.40 8.09 4.78
C GLY C 99 0.20 9.19 5.61
N ARG C 100 1.44 9.57 5.30
CA ARG C 100 2.14 10.59 6.06
C ARG C 100 2.65 11.69 5.11
N TYR C 101 3.34 12.67 5.66
CA TYR C 101 3.95 13.72 4.85
C TYR C 101 5.31 14.07 5.41
N LEU C 102 6.09 14.86 4.68
CA LEU C 102 7.27 15.47 5.28
C LEU C 102 6.94 16.22 6.55
N GLU C 103 7.76 16.04 7.57
CA GLU C 103 7.64 16.67 8.84
C GLU C 103 9.03 17.19 9.20
N PRO C 104 9.11 18.23 10.01
CA PRO C 104 10.36 18.88 10.45
C PRO C 104 11.07 18.14 11.57
N LEU C 105 11.29 16.84 11.36
CA LEU C 105 11.97 16.04 12.37
C LEU C 105 13.38 16.54 12.56
N PRO C 106 13.73 16.95 13.78
CA PRO C 106 15.09 17.42 14.00
C PRO C 106 16.16 16.41 13.58
N SER C 107 17.20 16.92 12.94
CA SER C 107 18.30 16.11 12.45
C SER C 107 19.14 15.68 13.64
N PRO C 108 19.74 14.47 13.56
CA PRO C 108 20.70 14.15 14.61
C PRO C 108 21.94 15.07 14.54
N GLY C 109 22.82 15.04 15.55
CA GLY C 109 24.03 15.90 15.56
C GLY C 109 25.10 15.54 14.55
N TYR C 110 24.92 14.39 13.92
CA TYR C 110 25.87 13.81 12.98
C TYR C 110 26.28 14.74 11.85
N GLY C 111 25.33 15.30 11.09
CA GLY C 111 25.65 16.19 9.97
C GLY C 111 26.51 17.37 10.40
N ALA C 112 26.12 18.01 11.50
CA ALA C 112 26.85 19.15 12.05
C ALA C 112 28.23 18.75 12.53
N ASP C 113 28.33 17.58 13.16
CA ASP C 113 29.63 17.11 13.64
C ASP C 113 30.58 16.88 12.49
N LEU C 114 30.08 16.29 11.42
CA LEU C 114 30.93 16.06 10.25
C LEU C 114 31.29 17.36 9.54
N ALA C 115 30.30 18.23 9.37
CA ALA C 115 30.54 19.54 8.74
C ALA C 115 31.63 20.30 9.49
N ARG C 116 31.67 20.13 10.81
CA ARG C 116 32.69 20.82 11.63
C ARG C 116 34.14 20.33 11.39
N GLN C 117 34.28 19.15 10.80
CA GLN C 117 35.60 18.59 10.49
C GLN C 117 36.26 19.22 9.27
N ILE C 118 35.47 19.90 8.43
CA ILE C 118 35.95 20.46 7.18
C ILE C 118 36.85 21.66 7.46
N ARG C 119 38.09 21.55 7.00
CA ARG C 119 39.11 22.56 7.28
C ARG C 119 38.84 23.80 6.46
N LYS C 120 39.28 24.91 7.04
CA LYS C 120 39.15 26.20 6.40
C LYS C 120 40.40 26.38 5.56
N GLY C 121 40.19 26.99 4.40
CA GLY C 121 41.27 27.26 3.45
C GLY C 121 41.38 26.19 2.38
N GLU C 122 41.69 26.61 1.16
CA GLU C 122 41.97 25.72 0.05
C GLU C 122 43.45 25.42 -0.05
N PRO C 123 43.80 24.25 -0.59
CA PRO C 123 42.91 23.24 -1.17
C PRO C 123 42.38 22.21 -0.15
N GLN C 124 42.59 22.43 1.14
CA GLN C 124 42.13 21.47 2.16
C GLN C 124 40.61 21.37 2.20
N ARG C 125 39.94 22.48 2.05
CA ARG C 125 38.49 22.51 2.20
C ARG C 125 37.85 21.64 1.12
N MET C 126 38.34 21.73 -0.11
CA MET C 126 37.75 20.92 -1.20
C MET C 126 37.91 19.43 -0.88
N LEU C 127 39.10 19.04 -0.47
CA LEU C 127 39.43 17.66 -0.14
C LEU C 127 38.46 17.17 0.93
N ASP C 128 38.32 17.94 2.02
CA ASP C 128 37.47 17.53 3.14
C ASP C 128 36.00 17.48 2.78
N SER C 129 35.58 18.40 1.92
CA SER C 129 34.19 18.50 1.49
C SER C 129 33.80 17.21 0.73
N PHE C 130 34.65 16.79 -0.19
CA PHE C 130 34.42 15.55 -0.92
C PHE C 130 34.45 14.34 0.01
N LEU C 131 35.43 14.28 0.89
CA LEU C 131 35.53 13.11 1.78
C LEU C 131 34.35 13.03 2.77
N VAL C 132 33.91 14.15 3.31
CA VAL C 132 32.75 14.16 4.23
C VAL C 132 31.48 13.75 3.46
N ALA C 133 31.30 14.30 2.28
CA ALA C 133 30.17 13.87 1.44
C ALA C 133 30.25 12.37 1.19
N GLY C 134 31.41 11.83 0.82
CA GLY C 134 31.56 10.40 0.59
C GLY C 134 31.24 9.58 1.82
N LEU C 135 31.73 10.02 2.98
CA LEU C 135 31.48 9.30 4.22
C LEU C 135 30.00 9.20 4.55
N ILE C 136 29.30 10.31 4.39
CA ILE C 136 27.86 10.36 4.70
C ILE C 136 27.17 9.42 3.75
N GLU C 137 27.56 9.44 2.47
CA GLU C 137 26.97 8.53 1.48
C GLU C 137 27.25 7.10 1.82
N ALA C 138 28.50 6.80 2.23
CA ALA C 138 28.85 5.44 2.57
C ALA C 138 28.05 4.92 3.77
N ARG C 139 27.82 5.75 4.77
CA ARG C 139 27.05 5.33 5.95
C ARG C 139 25.60 5.13 5.58
N SER C 140 25.05 6.04 4.78
CA SER C 140 23.67 5.84 4.29
C SER C 140 23.56 4.54 3.55
N HIS C 141 24.53 4.26 2.68
CA HIS C 141 24.49 3.02 1.91
C HIS C 141 24.56 1.79 2.81
N GLU C 142 25.41 1.83 3.83
CA GLU C 142 25.59 0.71 4.73
C GLU C 142 24.31 0.42 5.47
N ARG C 143 23.63 1.48 5.92
CA ARG C 143 22.39 1.32 6.67
C ARG C 143 21.24 0.95 5.77
N MET C 144 21.16 1.52 4.60
CA MET C 144 20.14 1.07 3.62
C MET C 144 20.34 -0.41 3.28
N ALA C 145 21.57 -0.88 3.18
CA ALA C 145 21.80 -2.29 2.88
C ALA C 145 21.26 -3.17 3.98
N LEU C 146 21.37 -2.71 5.21
CA LEU C 146 20.81 -3.42 6.36
C LEU C 146 19.29 -3.46 6.25
N LEU C 147 18.63 -2.35 6.00
CA LEU C 147 17.16 -2.32 5.91
C LEU C 147 16.66 -3.10 4.70
N ALA C 148 17.45 -3.10 3.63
CA ALA C 148 17.07 -3.86 2.41
C ALA C 148 16.91 -5.35 2.71
N GLU C 149 17.70 -5.86 3.65
CA GLU C 149 17.64 -7.27 4.03
C GLU C 149 16.77 -7.51 5.26
N HIS C 150 16.76 -6.58 6.22
CA HIS C 150 16.20 -6.86 7.54
C HIS C 150 14.91 -6.12 7.93
N SER C 151 14.41 -5.21 7.11
CA SER C 151 13.11 -4.64 7.35
C SER C 151 12.12 -5.77 7.19
N PRO C 152 11.13 -5.82 8.07
CA PRO C 152 10.05 -6.82 7.92
C PRO C 152 9.09 -6.52 6.79
N ASP C 153 9.15 -5.32 6.22
CA ASP C 153 8.15 -4.86 5.27
C ASP C 153 8.76 -4.90 3.86
N PRO C 154 8.21 -5.73 2.95
CA PRO C 154 8.80 -5.80 1.63
C PRO C 154 8.75 -4.51 0.82
N GLN C 155 7.84 -3.62 1.17
CA GLN C 155 7.75 -2.35 0.47
C GLN C 155 8.97 -1.50 0.86
N LEU C 156 9.37 -1.57 2.11
CA LEU C 156 10.61 -0.87 2.52
C LEU C 156 11.83 -1.59 2.02
N ARG C 157 11.86 -2.91 2.06
CA ARG C 157 12.99 -3.64 1.50
C ARG C 157 13.21 -3.27 0.06
N GLU C 158 12.14 -3.16 -0.69
CA GLU C 158 12.21 -2.83 -2.12
C GLU C 158 12.83 -1.44 -2.31
N LEU C 159 12.36 -0.46 -1.55
CA LEU C 159 12.86 0.92 -1.68
C LEU C 159 14.36 0.94 -1.43
N TYR C 160 14.77 0.42 -0.28
CA TYR C 160 16.19 0.46 0.08
C TYR C 160 17.07 -0.34 -0.86
N SER C 161 16.57 -1.49 -1.34
CA SER C 161 17.34 -2.28 -2.30
C SER C 161 17.55 -1.50 -3.58
N ASP C 162 16.51 -0.79 -4.00
CA ASP C 162 16.49 -0.07 -5.28
C ASP C 162 17.48 1.11 -5.25
N LEU C 163 17.74 1.67 -4.07
CA LEU C 163 18.66 2.82 -3.94
C LEU C 163 20.15 2.45 -3.83
N LEU C 164 20.48 1.22 -3.53
CA LEU C 164 21.86 0.89 -3.18
C LEU C 164 22.90 1.16 -4.29
N ALA C 165 22.60 0.79 -5.53
CA ALA C 165 23.60 0.92 -6.60
C ALA C 165 23.98 2.38 -6.85
N SER C 166 23.01 3.27 -6.86
CA SER C 166 23.31 4.66 -7.13
C SER C 166 24.07 5.27 -5.96
N GLU C 167 23.76 4.84 -4.74
CA GLU C 167 24.51 5.32 -3.60
C GLU C 167 25.99 4.89 -3.60
N ALA C 168 26.28 3.66 -4.00
CA ALA C 168 27.66 3.21 -4.21
C ALA C 168 28.42 3.96 -5.35
N ARG C 169 27.69 4.32 -6.40
CA ARG C 169 28.27 5.21 -7.42
C ARG C 169 28.65 6.56 -6.80
N HIS C 170 27.85 7.03 -5.86
CA HIS C 170 28.05 8.36 -5.30
C HIS C 170 29.29 8.42 -4.42
N PHE C 171 29.44 7.49 -3.48
CA PHE C 171 30.67 7.55 -2.69
C PHE C 171 31.89 7.21 -3.56
N GLY C 172 31.68 6.36 -4.57
CA GLY C 172 32.76 6.08 -5.48
C GLY C 172 33.21 7.35 -6.22
N LEU C 173 32.24 8.16 -6.63
CA LEU C 173 32.55 9.38 -7.34
C LEU C 173 33.32 10.36 -6.45
N TYR C 174 32.87 10.54 -5.21
CA TYR C 174 33.56 11.45 -4.33
C TYR C 174 35.01 11.02 -4.12
N TRP C 175 35.27 9.73 -4.05
CA TRP C 175 36.66 9.24 -3.97
C TRP C 175 37.42 9.65 -5.23
N VAL C 176 36.85 9.36 -6.38
CA VAL C 176 37.50 9.70 -7.67
C VAL C 176 37.80 11.19 -7.76
N LEU C 177 36.88 12.05 -7.33
CA LEU C 177 37.09 13.50 -7.41
C LEU C 177 38.32 13.87 -6.59
N CYS C 178 38.52 13.20 -5.46
CA CYS C 178 39.74 13.41 -4.67
C CYS C 178 40.99 12.87 -5.38
N GLU C 179 40.90 11.64 -5.86
CA GLU C 179 42.03 10.90 -6.46
C GLU C 179 42.58 11.60 -7.67
N GLN C 180 41.74 12.33 -8.41
CA GLN C 180 42.21 13.07 -9.58
C GLN C 180 42.91 14.36 -9.23
N ARG C 181 42.82 14.79 -7.97
CA ARG C 181 43.28 16.14 -7.58
C ARG C 181 44.36 16.21 -6.51
N TYR C 182 44.51 15.14 -5.74
CA TYR C 182 45.43 15.10 -4.59
C TYR C 182 46.24 13.81 -4.59
N PRO C 183 47.45 13.87 -4.05
CA PRO C 183 48.24 12.65 -3.88
C PRO C 183 47.49 11.61 -3.05
N ARG C 184 47.58 10.36 -3.46
CA ARG C 184 46.77 9.27 -2.87
C ARG C 184 47.00 9.10 -1.38
N GLU C 185 48.26 9.10 -0.97
CA GLU C 185 48.59 8.97 0.47
C GLU C 185 47.93 10.05 1.33
N LEU C 186 47.84 11.27 0.81
CA LEU C 186 47.28 12.39 1.52
C LEU C 186 45.78 12.13 1.74
N ILE C 187 45.13 11.59 0.71
CA ILE C 187 43.69 11.36 0.77
C ILE C 187 43.40 10.22 1.74
N VAL C 188 44.19 9.16 1.67
CA VAL C 188 44.00 7.98 2.53
C VAL C 188 44.15 8.39 4.00
N GLU C 189 45.21 9.14 4.30
CA GLU C 189 45.39 9.62 5.67
C GLU C 189 44.25 10.47 6.18
N ARG C 190 43.80 11.42 5.37
CA ARG C 190 42.72 12.29 5.79
C ARG C 190 41.42 11.50 5.98
N LEU C 191 41.16 10.54 5.10
CA LEU C 191 39.94 9.72 5.22
C LEU C 191 39.97 8.91 6.52
N GLU C 192 41.13 8.37 6.86
CA GLU C 192 41.21 7.59 8.10
C GLU C 192 40.91 8.44 9.31
N VAL C 193 41.39 9.69 9.34
CA VAL C 193 41.08 10.61 10.42
C VAL C 193 39.58 10.92 10.48
N LEU C 194 39.03 11.28 9.32
CA LEU C 194 37.62 11.65 9.24
C LEU C 194 36.70 10.47 9.54
N ALA C 195 37.12 9.27 9.18
CA ALA C 195 36.30 8.08 9.44
C ALA C 195 36.16 7.80 10.94
N LEU C 196 37.19 8.11 11.72
CA LEU C 196 37.07 7.94 13.16
C LEU C 196 36.15 9.01 13.76
N ALA C 197 36.19 10.22 13.21
CA ALA C 197 35.25 11.27 13.62
C ALA C 197 33.81 10.82 13.30
N GLU C 198 33.68 10.14 12.18
CA GLU C 198 32.35 9.68 11.72
C GLU C 198 31.77 8.61 12.66
N VAL C 199 32.59 7.69 13.13
CA VAL C 199 32.19 6.73 14.15
C VAL C 199 31.86 7.44 15.47
N LYS C 200 32.71 8.38 15.88
CA LYS C 200 32.38 9.10 17.10
C LYS C 200 31.00 9.76 17.03
N ALA C 201 30.65 10.31 15.86
CA ALA C 201 29.39 11.00 15.64
C ALA C 201 28.17 10.08 15.72
N LEU C 202 28.40 8.76 15.71
CA LEU C 202 27.34 7.77 15.90
C LEU C 202 27.32 7.12 17.30
N GLU C 203 28.19 7.57 18.21
CA GLU C 203 28.16 7.08 19.57
C GLU C 203 26.93 7.55 20.33
N GLY C 204 26.58 6.78 21.35
CA GLY C 204 25.50 7.10 22.26
C GLY C 204 24.36 6.10 22.17
N ALA C 205 23.34 6.42 22.96
CA ALA C 205 22.13 5.63 23.05
C ALA C 205 20.97 6.47 22.64
N LEU C 206 20.06 5.87 21.89
CA LEU C 206 18.91 6.59 21.40
C LEU C 206 17.99 7.14 22.51
N THR C 207 17.79 8.46 22.48
CA THR C 207 17.00 9.18 23.48
C THR C 207 15.56 8.66 23.66
N ARG C 208 14.83 8.59 22.56
CA ARG C 208 13.46 8.09 22.53
C ARG C 208 13.29 7.35 21.20
N PRO C 209 12.37 6.37 21.14
CA PRO C 209 12.20 5.60 19.91
C PRO C 209 11.94 6.45 18.66
N GLU C 210 11.13 7.48 18.81
CA GLU C 210 10.79 8.35 17.68
C GLU C 210 11.95 9.25 17.23
N ASP C 211 13.06 9.24 17.95
CA ASP C 211 14.24 10.03 17.54
C ASP C 211 15.17 9.32 16.56
N VAL C 212 14.79 8.10 16.14
CA VAL C 212 15.60 7.35 15.16
C VAL C 212 15.65 8.10 13.83
N ARG C 213 16.81 8.05 13.16
CA ARG C 213 17.02 8.77 11.91
C ARG C 213 17.96 7.94 11.06
N MET C 214 18.18 8.32 9.82
CA MET C 214 19.17 7.61 9.02
C MET C 214 20.54 7.63 9.66
N HIS C 215 20.88 8.71 10.33
CA HIS C 215 22.20 8.88 10.96
C HIS C 215 22.12 9.09 12.47
N SER C 216 21.07 8.55 13.11
CA SER C 216 21.02 8.46 14.56
C SER C 216 22.00 7.48 15.10
N CYS C 217 22.18 7.48 16.43
CA CYS C 217 23.29 6.74 17.00
C CYS C 217 23.17 5.24 16.86
N GLY C 218 24.32 4.58 16.77
CA GLY C 218 24.35 3.10 16.74
C GLY C 218 25.47 2.53 15.96
N VAL C 219 26.61 2.34 16.63
CA VAL C 219 27.75 1.80 15.98
C VAL C 219 28.37 0.71 16.87
N ASP C 220 28.86 -0.34 16.21
CA ASP C 220 29.51 -1.51 16.82
C ASP C 220 31.00 -1.23 16.79
N VAL C 221 31.58 -1.01 17.96
CA VAL C 221 33.00 -0.73 18.04
C VAL C 221 33.77 -1.96 18.53
N THR C 222 33.14 -3.14 18.56
CA THR C 222 33.77 -4.35 19.15
C THR C 222 35.08 -4.75 18.48
N GLN C 223 35.37 -4.23 17.28
CA GLN C 223 36.61 -4.51 16.53
C GLN C 223 37.31 -3.24 16.00
N ILE C 224 37.04 -2.12 16.66
CA ILE C 224 37.55 -0.80 16.26
C ILE C 224 39.10 -0.75 16.29
N SER C 225 39.72 -1.46 17.23
CA SER C 225 41.18 -1.48 17.35
C SER C 225 41.78 -2.50 16.39
N TRP D 25 5.22 -4.58 -37.83
CA TRP D 25 5.73 -3.23 -37.49
C TRP D 25 6.44 -3.21 -36.13
N LEU D 26 5.75 -3.70 -35.11
CA LEU D 26 6.21 -3.57 -33.73
C LEU D 26 7.08 -4.75 -33.32
N ALA D 27 8.14 -4.46 -32.57
CA ALA D 27 9.13 -5.48 -32.19
C ALA D 27 8.83 -6.15 -30.85
N ALA D 28 7.79 -5.69 -30.16
CA ALA D 28 7.41 -6.23 -28.85
C ALA D 28 6.06 -5.65 -28.45
N PRO D 29 5.22 -6.44 -27.76
CA PRO D 29 3.86 -6.02 -27.42
C PRO D 29 3.82 -5.14 -26.17
N THR D 30 2.72 -4.41 -26.03
CA THR D 30 2.46 -3.57 -24.88
C THR D 30 2.27 -4.47 -23.65
N SER D 31 2.78 -4.03 -22.50
CA SER D 31 2.59 -4.76 -21.25
C SER D 31 1.18 -4.55 -20.70
N TRP D 32 0.69 -5.53 -19.95
CA TRP D 32 -0.63 -5.41 -19.35
C TRP D 32 -0.67 -4.30 -18.29
N SER D 33 0.50 -3.96 -17.73
CA SER D 33 0.60 -2.82 -16.81
C SER D 33 0.06 -1.56 -17.49
N TRP D 34 0.36 -1.40 -18.78
CA TRP D 34 -0.10 -0.18 -19.48
C TRP D 34 -1.62 -0.17 -19.54
N VAL D 35 -2.24 -1.31 -19.87
CA VAL D 35 -3.68 -1.41 -19.98
C VAL D 35 -4.34 -1.09 -18.63
N GLU D 36 -3.74 -1.59 -17.56
CA GLU D 36 -4.29 -1.36 -16.21
C GLU D 36 -4.24 0.13 -15.86
N GLN D 37 -3.09 0.74 -16.12
CA GLN D 37 -2.85 2.18 -15.97
C GLN D 37 -3.80 3.03 -16.82
N ALA D 38 -4.00 2.62 -18.07
CA ALA D 38 -4.98 3.28 -18.95
C ALA D 38 -6.41 3.16 -18.44
N ASN D 39 -6.76 2.00 -17.89
CA ASN D 39 -8.08 1.81 -17.31
C ASN D 39 -8.29 2.62 -16.00
N ALA D 40 -7.20 2.87 -15.30
CA ALA D 40 -7.23 3.67 -14.05
C ALA D 40 -7.48 5.14 -14.32
N HIS D 41 -6.86 5.67 -15.37
CA HIS D 41 -6.94 7.10 -15.71
C HIS D 41 -7.36 7.28 -17.18
N PRO D 42 -8.60 6.89 -17.51
CA PRO D 42 -8.96 6.93 -18.93
C PRO D 42 -9.01 8.34 -19.50
N MET D 43 -9.32 9.35 -18.69
CA MET D 43 -9.39 10.73 -19.22
C MET D 43 -8.01 11.31 -19.62
N GLU D 44 -6.97 10.96 -18.89
CA GLU D 44 -5.62 11.37 -19.30
C GLU D 44 -5.26 10.74 -20.62
N VAL D 45 -5.62 9.46 -20.79
CA VAL D 45 -5.36 8.75 -22.06
C VAL D 45 -6.18 9.37 -23.20
N LEU D 46 -7.45 9.68 -22.95
CA LEU D 46 -8.31 10.27 -23.98
C LEU D 46 -7.79 11.63 -24.43
N ILE D 47 -7.44 12.47 -23.45
CA ILE D 47 -6.92 13.81 -23.75
C ILE D 47 -5.66 13.70 -24.60
N ASP D 48 -4.73 12.86 -24.17
CA ASP D 48 -3.50 12.65 -24.89
C ASP D 48 -3.78 12.13 -26.30
N HIS D 49 -4.75 11.23 -26.41
CA HIS D 49 -5.08 10.66 -27.69
C HIS D 49 -5.57 11.75 -28.66
N ALA D 50 -6.43 12.64 -28.17
CA ALA D 50 -6.84 13.78 -29.01
C ALA D 50 -5.63 14.52 -29.54
N HIS D 51 -4.67 14.80 -28.67
CA HIS D 51 -3.47 15.53 -29.06
C HIS D 51 -2.70 14.70 -30.08
N CYS D 52 -2.61 13.40 -29.87
CA CYS D 52 -1.88 12.53 -30.80
C CYS D 52 -2.49 12.56 -32.22
N GLU D 53 -3.82 12.60 -32.29
CA GLU D 53 -4.51 12.59 -33.60
C GLU D 53 -4.21 13.91 -34.29
N ARG D 54 -4.27 15.01 -33.56
CA ARG D 54 -4.00 16.32 -34.15
C ARG D 54 -2.50 16.43 -34.56
N LYS D 55 -1.60 15.86 -33.76
CA LYS D 55 -0.18 15.83 -34.13
C LYS D 55 0.07 15.03 -35.41
N ALA D 56 -0.66 13.94 -35.58
CA ALA D 56 -0.55 13.07 -36.76
C ALA D 56 -1.02 13.84 -38.01
N ALA D 57 -2.11 14.58 -37.86
CA ALA D 57 -2.55 15.43 -38.97
C ALA D 57 -1.47 16.47 -39.29
N GLY D 58 -0.92 17.12 -38.27
CA GLY D 58 0.09 18.12 -38.55
C GLY D 58 1.36 17.56 -39.17
N ALA D 59 1.77 16.37 -38.73
CA ALA D 59 2.94 15.70 -39.29
C ALA D 59 2.72 15.39 -40.77
N ALA D 60 1.51 14.96 -41.11
CA ALA D 60 1.21 14.67 -42.54
C ALA D 60 1.22 15.93 -43.39
N VAL D 61 0.66 17.00 -42.87
CA VAL D 61 0.68 18.30 -43.56
C VAL D 61 2.14 18.78 -43.73
N GLN D 62 2.94 18.62 -42.68
CA GLN D 62 4.35 19.05 -42.75
C GLN D 62 5.14 18.25 -43.76
N MET D 63 4.89 16.94 -43.85
CA MET D 63 5.56 16.11 -44.84
C MET D 63 5.17 16.55 -46.26
N MET D 64 3.90 16.89 -46.46
CA MET D 64 3.48 17.44 -47.75
C MET D 64 4.21 18.72 -48.12
N PHE D 65 4.34 19.65 -47.17
CA PHE D 65 5.10 20.88 -47.45
C PHE D 65 6.58 20.60 -47.76
N ARG D 66 7.19 19.69 -47.02
CA ARG D 66 8.61 19.33 -47.24
C ARG D 66 8.84 18.71 -48.63
N TYR D 67 7.90 17.85 -49.03
CA TYR D 67 7.98 17.14 -50.31
C TYR D 67 6.85 17.69 -51.22
N LEU D 68 6.99 18.96 -51.59
CA LEU D 68 5.89 19.80 -52.05
C LEU D 68 5.15 19.24 -53.26
N CYS D 69 5.91 18.68 -54.18
CA CYS D 69 5.37 18.17 -55.45
C CYS D 69 5.73 16.70 -55.68
N GLU D 70 6.10 15.98 -54.62
CA GLU D 70 6.42 14.58 -54.71
C GLU D 70 5.27 13.82 -55.38
N PRO D 71 5.53 13.15 -56.53
CA PRO D 71 4.45 12.49 -57.23
C PRO D 71 3.68 11.53 -56.34
N GLY D 72 2.36 11.71 -56.33
CA GLY D 72 1.46 10.86 -55.57
C GLY D 72 1.24 11.24 -54.10
N LEU D 73 2.09 12.09 -53.54
CA LEU D 73 2.12 12.23 -52.09
C LEU D 73 0.91 13.00 -51.54
N GLY D 74 0.54 14.09 -52.20
CA GLY D 74 -0.62 14.84 -51.77
C GLY D 74 -1.90 14.03 -51.82
N GLU D 75 -2.05 13.19 -52.86
CA GLU D 75 -3.23 12.35 -52.98
C GLU D 75 -3.39 11.41 -51.83
N ALA D 76 -2.27 10.96 -51.24
CA ALA D 76 -2.29 10.01 -50.13
C ALA D 76 -2.36 10.75 -48.78
N LEU D 77 -1.52 11.76 -48.58
CA LEU D 77 -1.46 12.37 -47.25
C LEU D 77 -2.55 13.38 -46.94
N SER D 78 -3.14 14.00 -47.95
CA SER D 78 -4.20 14.96 -47.67
C SER D 78 -5.44 14.24 -47.06
N PRO D 79 -5.93 13.14 -47.69
CA PRO D 79 -7.02 12.41 -47.04
C PRO D 79 -6.63 11.84 -45.65
N LEU D 80 -5.37 11.38 -45.48
CA LEU D 80 -4.94 10.89 -44.17
C LEU D 80 -5.03 12.01 -43.14
N ALA D 81 -4.54 13.19 -43.49
CA ALA D 81 -4.61 14.31 -42.55
C ALA D 81 -6.05 14.66 -42.22
N ARG D 82 -6.93 14.66 -43.21
CA ARG D 82 -8.34 14.88 -42.93
C ARG D 82 -8.89 13.86 -41.96
N GLU D 83 -8.55 12.59 -42.17
CA GLU D 83 -9.07 11.52 -41.29
C GLU D 83 -8.58 11.69 -39.87
N GLU D 84 -7.30 12.08 -39.74
CA GLU D 84 -6.76 12.33 -38.40
C GLU D 84 -7.46 13.49 -37.68
N LEU D 85 -7.80 14.54 -38.41
CA LEU D 85 -8.56 15.65 -37.86
C LEU D 85 -9.99 15.21 -37.51
N GLU D 86 -10.59 14.34 -38.31
CA GLU D 86 -11.88 13.76 -37.95
C GLU D 86 -11.77 13.01 -36.62
N HIS D 87 -10.70 12.24 -36.44
CA HIS D 87 -10.48 11.52 -35.18
C HIS D 87 -10.30 12.47 -34.01
N PHE D 88 -9.51 13.52 -34.19
CA PHE D 88 -9.38 14.55 -33.19
C PHE D 88 -10.75 15.08 -32.74
N GLU D 89 -11.60 15.42 -33.70
CA GLU D 89 -12.91 15.99 -33.41
C GLU D 89 -13.76 14.97 -32.67
N GLN D 90 -13.69 13.71 -33.05
CA GLN D 90 -14.51 12.66 -32.43
C GLN D 90 -14.09 12.44 -30.98
N VAL D 91 -12.79 12.46 -30.72
CA VAL D 91 -12.28 12.22 -29.37
C VAL D 91 -12.57 13.44 -28.52
N LEU D 92 -12.36 14.64 -29.09
CA LEU D 92 -12.72 15.86 -28.39
C LEU D 92 -14.18 15.89 -27.96
N ALA D 93 -15.09 15.42 -28.82
CA ALA D 93 -16.54 15.42 -28.54
C ALA D 93 -16.85 14.55 -27.33
N LEU D 94 -16.22 13.38 -27.26
CA LEU D 94 -16.37 12.51 -26.10
C LEU D 94 -15.78 13.13 -24.81
N ILE D 95 -14.60 13.73 -24.91
CA ILE D 95 -13.98 14.43 -23.78
C ILE D 95 -14.94 15.45 -23.19
N LYS D 96 -15.58 16.24 -24.05
CA LYS D 96 -16.53 17.25 -23.61
C LYS D 96 -17.82 16.65 -23.05
N ALA D 97 -18.28 15.55 -23.65
CA ALA D 97 -19.47 14.85 -23.16
C ALA D 97 -19.25 14.38 -21.73
N ARG D 98 -17.99 14.10 -21.39
CA ARG D 98 -17.62 13.67 -20.04
C ARG D 98 -17.15 14.82 -19.13
N GLY D 99 -17.49 16.05 -19.51
CA GLY D 99 -17.27 17.22 -18.69
C GLY D 99 -15.85 17.73 -18.59
N ARG D 100 -14.98 17.32 -19.51
CA ARG D 100 -13.59 17.74 -19.50
C ARG D 100 -13.27 18.52 -20.79
N TYR D 101 -12.03 18.99 -20.91
CA TYR D 101 -11.58 19.62 -22.14
C TYR D 101 -10.13 19.25 -22.41
N LEU D 102 -9.61 19.64 -23.58
CA LEU D 102 -8.21 19.50 -23.82
C LEU D 102 -7.40 20.18 -22.70
N GLU D 103 -6.37 19.49 -22.23
CA GLU D 103 -5.46 19.99 -21.23
C GLU D 103 -4.04 19.80 -21.73
N PRO D 104 -3.11 20.66 -21.28
CA PRO D 104 -1.71 20.61 -21.71
C PRO D 104 -0.90 19.51 -21.02
N LEU D 105 -1.37 18.28 -21.12
CA LEU D 105 -0.70 17.13 -20.53
C LEU D 105 0.62 16.88 -21.25
N PRO D 106 1.76 16.95 -20.53
CA PRO D 106 3.02 16.78 -21.26
C PRO D 106 3.13 15.45 -22.00
N SER D 107 3.60 15.49 -23.24
CA SER D 107 3.80 14.27 -24.01
C SER D 107 4.90 13.42 -23.38
N PRO D 108 4.80 12.09 -23.53
CA PRO D 108 5.95 11.28 -23.15
C PRO D 108 7.13 11.57 -24.07
N GLY D 109 8.33 11.14 -23.69
CA GLY D 109 9.50 11.31 -24.52
C GLY D 109 9.52 10.51 -25.82
N TYR D 110 8.53 9.63 -25.98
CA TYR D 110 8.42 8.69 -27.12
C TYR D 110 8.58 9.35 -28.48
N GLY D 111 7.77 10.37 -28.74
CA GLY D 111 7.74 11.00 -30.07
C GLY D 111 9.06 11.63 -30.42
N ALA D 112 9.59 12.38 -29.47
CA ALA D 112 10.93 12.97 -29.56
C ALA D 112 12.06 11.95 -29.73
N ASP D 113 11.99 10.84 -28.98
CA ASP D 113 12.98 9.75 -29.12
C ASP D 113 13.01 9.20 -30.54
N LEU D 114 11.83 9.00 -31.11
CA LEU D 114 11.73 8.47 -32.47
C LEU D 114 12.15 9.47 -33.52
N ALA D 115 11.76 10.73 -33.35
CA ALA D 115 12.13 11.76 -34.29
C ALA D 115 13.64 11.85 -34.41
N ARG D 116 14.34 11.66 -33.28
CA ARG D 116 15.81 11.66 -33.23
C ARG D 116 16.47 10.59 -34.10
N GLN D 117 15.74 9.52 -34.43
CA GLN D 117 16.30 8.47 -35.26
C GLN D 117 16.31 8.84 -36.75
N ILE D 118 15.51 9.84 -37.12
CA ILE D 118 15.30 10.21 -38.53
C ILE D 118 16.58 10.84 -39.11
N ARG D 119 17.18 10.15 -40.08
CA ARG D 119 18.46 10.56 -40.66
C ARG D 119 18.31 11.83 -41.49
N LYS D 120 19.40 12.56 -41.69
CA LYS D 120 19.37 13.96 -42.16
C LYS D 120 19.29 14.24 -43.67
N GLY D 121 19.82 13.36 -44.51
CA GLY D 121 19.83 13.60 -45.97
C GLY D 121 18.81 12.77 -46.73
N GLU D 122 18.58 13.11 -48.00
CA GLU D 122 17.69 12.33 -48.85
C GLU D 122 18.47 11.28 -49.66
N PRO D 123 17.84 10.16 -50.04
CA PRO D 123 16.46 9.81 -49.75
C PRO D 123 16.22 9.06 -48.42
N GLN D 124 17.20 8.97 -47.54
CA GLN D 124 17.05 8.24 -46.27
C GLN D 124 16.07 8.92 -45.31
N ARG D 125 16.07 10.25 -45.32
CA ARG D 125 15.19 11.03 -44.47
C ARG D 125 13.71 10.74 -44.74
N MET D 126 13.33 10.76 -46.01
CA MET D 126 11.93 10.44 -46.37
C MET D 126 11.56 9.04 -45.88
N LEU D 127 12.42 8.07 -46.15
CA LEU D 127 12.23 6.70 -45.70
C LEU D 127 11.99 6.64 -44.21
N ASP D 128 12.86 7.29 -43.44
CA ASP D 128 12.74 7.24 -41.98
C ASP D 128 11.47 7.96 -41.49
N SER D 129 11.09 9.04 -42.19
CA SER D 129 9.91 9.83 -41.83
C SER D 129 8.63 9.00 -41.99
N PHE D 130 8.53 8.26 -43.09
CA PHE D 130 7.40 7.38 -43.30
C PHE D 130 7.41 6.21 -42.31
N LEU D 131 8.60 5.64 -42.06
CA LEU D 131 8.69 4.50 -41.18
C LEU D 131 8.38 4.86 -39.74
N VAL D 132 8.85 6.01 -39.29
CA VAL D 132 8.53 6.49 -37.94
C VAL D 132 7.02 6.80 -37.79
N ALA D 133 6.45 7.49 -38.77
CA ALA D 133 5.01 7.72 -38.73
C ALA D 133 4.24 6.42 -38.66
N GLY D 134 4.61 5.45 -39.48
CA GLY D 134 4.01 4.14 -39.46
C GLY D 134 4.12 3.42 -38.11
N LEU D 135 5.29 3.51 -37.48
CA LEU D 135 5.50 2.86 -36.17
C LEU D 135 4.60 3.46 -35.12
N ILE D 136 4.51 4.79 -35.10
CA ILE D 136 3.69 5.46 -34.12
C ILE D 136 2.24 5.02 -34.35
N GLU D 137 1.81 4.96 -35.61
CA GLU D 137 0.42 4.53 -35.92
C GLU D 137 0.17 3.09 -35.53
N ALA D 138 1.15 2.21 -35.79
CA ALA D 138 1.05 0.81 -35.40
C ALA D 138 0.94 0.64 -33.88
N ARG D 139 1.71 1.42 -33.12
CA ARG D 139 1.63 1.33 -31.67
C ARG D 139 0.28 1.82 -31.17
N SER D 140 -0.18 2.93 -31.74
CA SER D 140 -1.47 3.47 -31.36
C SER D 140 -2.57 2.45 -31.63
N HIS D 141 -2.52 1.82 -32.80
CA HIS D 141 -3.49 0.80 -33.17
C HIS D 141 -3.46 -0.39 -32.21
N GLU D 142 -2.26 -0.84 -31.86
CA GLU D 142 -2.06 -1.99 -30.97
C GLU D 142 -2.69 -1.68 -29.63
N ARG D 143 -2.39 -0.50 -29.10
CA ARG D 143 -2.94 -0.10 -27.80
C ARG D 143 -4.43 0.18 -27.81
N MET D 144 -4.96 0.82 -28.87
CA MET D 144 -6.40 1.00 -28.99
C MET D 144 -7.11 -0.33 -29.10
N ALA D 145 -6.50 -1.29 -29.80
CA ALA D 145 -7.08 -2.63 -29.94
C ALA D 145 -7.25 -3.29 -28.55
N LEU D 146 -6.28 -3.08 -27.65
CA LEU D 146 -6.38 -3.58 -26.28
C LEU D 146 -7.49 -2.90 -25.50
N LEU D 147 -7.60 -1.59 -25.64
CA LEU D 147 -8.64 -0.86 -24.93
C LEU D 147 -10.01 -1.19 -25.48
N ALA D 148 -10.10 -1.45 -26.79
CA ALA D 148 -11.38 -1.82 -27.41
C ALA D 148 -11.97 -3.08 -26.80
N GLU D 149 -11.11 -3.98 -26.35
CA GLU D 149 -11.53 -5.22 -25.73
C GLU D 149 -11.55 -5.14 -24.18
N HIS D 150 -10.57 -4.46 -23.59
CA HIS D 150 -10.35 -4.52 -22.13
C HIS D 150 -10.77 -3.30 -21.30
N SER D 151 -11.22 -2.22 -21.93
CA SER D 151 -11.76 -1.11 -21.16
C SER D 151 -13.05 -1.53 -20.44
N PRO D 152 -13.16 -1.22 -19.15
CA PRO D 152 -14.45 -1.50 -18.48
C PRO D 152 -15.59 -0.59 -18.92
N ASP D 153 -15.25 0.46 -19.68
CA ASP D 153 -16.22 1.46 -20.11
C ASP D 153 -16.74 1.13 -21.51
N PRO D 154 -18.05 0.77 -21.64
CA PRO D 154 -18.60 0.45 -22.97
C PRO D 154 -18.44 1.57 -24.00
N GLN D 155 -18.49 2.81 -23.54
CA GLN D 155 -18.41 3.99 -24.40
C GLN D 155 -17.01 4.11 -25.00
N LEU D 156 -16.00 3.81 -24.19
CA LEU D 156 -14.62 3.79 -24.64
C LEU D 156 -14.35 2.60 -25.54
N ARG D 157 -14.93 1.43 -25.23
CA ARG D 157 -14.77 0.26 -26.10
C ARG D 157 -15.29 0.55 -27.53
N GLU D 158 -16.41 1.25 -27.62
CA GLU D 158 -17.01 1.61 -28.88
C GLU D 158 -16.12 2.61 -29.62
N LEU D 159 -15.65 3.64 -28.90
CA LEU D 159 -14.76 4.64 -29.50
C LEU D 159 -13.54 3.99 -30.11
N TYR D 160 -12.82 3.21 -29.30
CA TYR D 160 -11.55 2.63 -29.72
C TYR D 160 -11.76 1.58 -30.83
N SER D 161 -12.82 0.77 -30.72
CA SER D 161 -13.22 -0.15 -31.79
C SER D 161 -13.43 0.56 -33.11
N ASP D 162 -14.12 1.69 -33.05
CA ASP D 162 -14.51 2.46 -34.22
C ASP D 162 -13.30 3.07 -34.95
N LEU D 163 -12.21 3.33 -34.24
CA LEU D 163 -11.02 3.94 -34.82
C LEU D 163 -10.05 2.94 -35.45
N LEU D 164 -10.23 1.65 -35.20
CA LEU D 164 -9.23 0.64 -35.58
C LEU D 164 -8.98 0.51 -37.08
N ALA D 165 -10.04 0.44 -37.88
CA ALA D 165 -9.87 0.20 -39.32
C ALA D 165 -9.04 1.29 -40.00
N SER D 166 -9.34 2.55 -39.72
CA SER D 166 -8.64 3.66 -40.37
C SER D 166 -7.18 3.72 -39.90
N GLU D 167 -6.92 3.42 -38.64
CA GLU D 167 -5.52 3.40 -38.17
C GLU D 167 -4.68 2.33 -38.87
N ALA D 168 -5.27 1.15 -39.09
CA ALA D 168 -4.64 0.09 -39.86
C ALA D 168 -4.34 0.53 -41.31
N ARG D 169 -5.27 1.27 -41.91
CA ARG D 169 -5.06 1.87 -43.24
C ARG D 169 -3.88 2.84 -43.21
N HIS D 170 -3.75 3.54 -42.10
CA HIS D 170 -2.70 4.56 -41.99
C HIS D 170 -1.31 3.96 -41.93
N PHE D 171 -1.10 2.95 -41.06
CA PHE D 171 0.23 2.32 -41.09
C PHE D 171 0.48 1.56 -42.37
N GLY D 172 -0.56 0.97 -42.94
CA GLY D 172 -0.44 0.31 -44.23
C GLY D 172 0.05 1.32 -45.27
N LEU D 173 -0.52 2.52 -45.22
CA LEU D 173 -0.20 3.54 -46.20
C LEU D 173 1.26 3.97 -46.09
N TYR D 174 1.75 4.20 -44.88
CA TYR D 174 3.15 4.61 -44.78
C TYR D 174 4.10 3.51 -45.29
N TRP D 175 3.74 2.25 -45.08
CA TRP D 175 4.48 1.14 -45.66
C TRP D 175 4.47 1.22 -47.19
N VAL D 176 3.28 1.35 -47.78
CA VAL D 176 3.17 1.44 -49.23
C VAL D 176 4.01 2.60 -49.79
N LEU D 177 3.97 3.75 -49.12
CA LEU D 177 4.71 4.92 -49.57
C LEU D 177 6.22 4.60 -49.63
N CYS D 178 6.66 3.74 -48.72
CA CYS D 178 8.05 3.23 -48.79
C CYS D 178 8.26 2.22 -49.91
N GLU D 179 7.37 1.23 -49.98
CA GLU D 179 7.45 0.14 -50.95
C GLU D 179 7.52 0.63 -52.37
N GLN D 180 6.83 1.75 -52.66
CA GLN D 180 6.80 2.30 -54.01
C GLN D 180 8.04 3.07 -54.41
N ARG D 181 8.92 3.37 -53.44
CA ARG D 181 10.05 4.26 -53.66
C ARG D 181 11.42 3.65 -53.32
N TYR D 182 11.46 2.54 -52.57
CA TYR D 182 12.72 1.92 -52.13
C TYR D 182 12.73 0.41 -52.30
N PRO D 183 13.93 -0.17 -52.51
CA PRO D 183 13.98 -1.64 -52.53
C PRO D 183 13.49 -2.24 -51.21
N ARG D 184 12.74 -3.34 -51.29
CA ARG D 184 12.10 -3.90 -50.10
C ARG D 184 13.09 -4.27 -48.98
N GLU D 185 14.25 -4.82 -49.35
CA GLU D 185 15.24 -5.28 -48.37
C GLU D 185 15.75 -4.10 -47.54
N LEU D 186 15.98 -2.99 -48.23
CA LEU D 186 16.43 -1.77 -47.59
C LEU D 186 15.39 -1.26 -46.58
N ILE D 187 14.11 -1.33 -46.94
CA ILE D 187 13.05 -0.91 -46.02
C ILE D 187 12.97 -1.83 -44.80
N VAL D 188 13.00 -3.15 -45.03
CA VAL D 188 12.93 -4.17 -43.96
C VAL D 188 14.10 -4.00 -42.99
N GLU D 189 15.31 -3.88 -43.54
CA GLU D 189 16.49 -3.69 -42.71
C GLU D 189 16.35 -2.44 -41.83
N ARG D 190 15.93 -1.30 -42.41
CA ARG D 190 15.79 -0.04 -41.66
C ARG D 190 14.64 -0.08 -40.64
N LEU D 191 13.53 -0.71 -40.99
CA LEU D 191 12.44 -0.86 -40.02
C LEU D 191 12.86 -1.67 -38.79
N GLU D 192 13.66 -2.71 -39.01
CA GLU D 192 14.18 -3.52 -37.89
C GLU D 192 14.87 -2.65 -36.84
N VAL D 193 15.69 -1.71 -37.31
CA VAL D 193 16.42 -0.78 -36.43
C VAL D 193 15.49 0.20 -35.72
N LEU D 194 14.66 0.89 -36.50
CA LEU D 194 13.72 1.84 -35.95
C LEU D 194 12.75 1.21 -34.98
N ALA D 195 12.26 -0.01 -35.26
CA ALA D 195 11.36 -0.71 -34.35
C ALA D 195 12.05 -1.01 -32.99
N LEU D 196 13.36 -1.28 -33.02
CA LEU D 196 14.11 -1.42 -31.74
C LEU D 196 14.18 -0.09 -30.98
N ALA D 197 14.35 1.01 -31.71
CA ALA D 197 14.32 2.33 -31.07
C ALA D 197 12.92 2.62 -30.47
N GLU D 198 11.87 2.17 -31.17
CA GLU D 198 10.51 2.40 -30.71
C GLU D 198 10.22 1.65 -29.40
N VAL D 199 10.72 0.42 -29.31
CA VAL D 199 10.58 -0.39 -28.10
C VAL D 199 11.38 0.26 -26.97
N LYS D 200 12.60 0.72 -27.26
CA LYS D 200 13.42 1.37 -26.24
C LYS D 200 12.71 2.60 -25.65
N ALA D 201 11.99 3.34 -26.51
CA ALA D 201 11.27 4.53 -26.08
C ALA D 201 10.03 4.23 -25.24
N LEU D 202 9.67 2.96 -25.08
CA LEU D 202 8.55 2.55 -24.23
C LEU D 202 8.99 1.80 -22.97
N GLU D 203 10.29 1.60 -22.81
CA GLU D 203 10.83 0.88 -21.65
C GLU D 203 10.81 1.79 -20.45
N GLY D 204 10.72 1.17 -19.26
CA GLY D 204 10.58 1.92 -18.00
C GLY D 204 9.29 1.61 -17.27
N ALA D 205 9.16 2.18 -16.07
CA ALA D 205 8.00 2.05 -15.22
C ALA D 205 7.37 3.43 -15.10
N LEU D 206 6.05 3.48 -15.02
CA LEU D 206 5.33 4.75 -14.93
C LEU D 206 5.63 5.39 -13.57
N THR D 207 6.17 6.61 -13.58
CA THR D 207 6.48 7.30 -12.31
C THR D 207 5.21 7.59 -11.51
N ARG D 208 4.24 8.24 -12.15
CA ARG D 208 2.99 8.62 -11.49
C ARG D 208 1.78 8.16 -12.32
N PRO D 209 0.68 7.73 -11.66
CA PRO D 209 -0.50 7.25 -12.41
C PRO D 209 -1.00 8.24 -13.46
N GLU D 210 -0.99 9.53 -13.11
CA GLU D 210 -1.54 10.59 -13.98
C GLU D 210 -0.71 10.83 -15.24
N ASP D 211 0.51 10.31 -15.29
CA ASP D 211 1.39 10.47 -16.44
C ASP D 211 1.14 9.43 -17.54
N VAL D 212 0.12 8.60 -17.38
CA VAL D 212 -0.22 7.60 -18.44
C VAL D 212 -0.68 8.32 -19.72
N ARG D 213 -0.29 7.80 -20.88
CA ARG D 213 -0.54 8.47 -22.18
C ARG D 213 -0.75 7.35 -23.20
N MET D 214 -1.19 7.69 -24.41
CA MET D 214 -1.25 6.68 -25.46
C MET D 214 0.10 6.00 -25.68
N HIS D 215 1.20 6.75 -25.49
CA HIS D 215 2.56 6.23 -25.71
C HIS D 215 3.45 6.35 -24.48
N SER D 216 2.84 6.24 -23.32
CA SER D 216 3.61 6.07 -22.08
C SER D 216 4.22 4.66 -21.97
N CYS D 217 5.13 4.48 -21.02
CA CYS D 217 5.93 3.26 -20.97
C CYS D 217 5.08 2.05 -20.65
N GLY D 218 5.52 0.90 -21.14
CA GLY D 218 4.83 -0.37 -20.90
C GLY D 218 4.98 -1.28 -22.09
N VAL D 219 6.10 -1.99 -22.16
CA VAL D 219 6.36 -2.94 -23.24
C VAL D 219 7.01 -4.18 -22.61
N ASP D 220 6.69 -5.34 -23.16
CA ASP D 220 7.29 -6.61 -22.72
C ASP D 220 8.41 -7.01 -23.69
N VAL D 221 9.65 -6.74 -23.29
CA VAL D 221 10.81 -7.15 -24.08
C VAL D 221 11.15 -8.62 -23.82
FE FE E . -26.09 10.47 30.78
FE FE F . -24.22 12.38 32.62
FE FE G . -6.87 -25.68 -0.24
FE FE H . -6.78 -27.91 -2.47
FE FE I . 20.41 8.96 -2.86
FE FE J . 23.54 9.56 -2.89
FE FE K . -6.43 8.46 -36.11
FE FE L . -3.97 7.50 -37.86
#